data_3WAI
#
_entry.id   3WAI
#
_cell.length_a   180.239
_cell.length_b   52.930
_cell.length_c   78.418
_cell.angle_alpha   90.00
_cell.angle_beta   90.71
_cell.angle_gamma   90.00
#
_symmetry.space_group_name_H-M   'C 1 2 1'
#
loop_
_entity.id
_entity.type
_entity.pdbx_description
1 polymer 'Maltose-binding periplasmic protein, Transmembrane oligosaccharyl transferase'
2 water water
#
_entity_poly.entity_id   1
_entity_poly.type   'polypeptide(L)'
_entity_poly.pdbx_seq_one_letter_code
;GPGMKIEEGKLVIWINGDKGYNGLAEVGKKFEKDTGIKVTVEHPDKLEEKFPQVAATGDGPDIIFWAHDRFGGYAQSGLL
AEITPDKAFQDKLYPFTWDAVRYNGKLIAYPIAVEALSLIYNKDLLPNPPKTWEEIPALDKELKAKGKSALMFNLQEPYF
TWPLIAADGGYAFKYENGKYDIKDVGVDNAGAKAGLTFLVDLIKNKHMNADTDYSIAEAAFNKGETAMTINGPWAWSNID
TSKVNYGVTVLPTFKGQPSKPFVGVLSAGINAASPNKELAKEFLENYLLTDEGLEAVNKDKPLGAVALKSYEEELAKDPR
IAATMENAQKGEIMPNIPQMSAFWYAVRTAVINAASGRQTVDEALKDAQTNKQWYDALTWMRENTPDGEKYDEYYLQLYP
TPQSNKEPFSYPFETYGVISWWDYGHWIEAVAHRMPIANPFQAGIGNKYNNVPGASSFFTAENESYAEFVAEKLNVKYVV
SDIEMETGKYYAMAVWAEGDLPLAEKYYGGYFYYSPTGTFGYANSQWDIPLNSIIIPLRIPSELYYSTMEAKLHLFDGSG
LSHYRMIYESDYPAEWKSYSSQVNLNNESQVLQTALYEAVMRARYGVSPTMGTQEVLYKYAYTQLYEKKMGIPVKIAPSG
YVKIFERVKGAVVTGKVSANVTEVSVNATIKTNQNRTFEYWQTVEVKNGTYTVVLPYSHNSDYPVKPITPYHIKAGNVVK
EITIYESQVQNGEIIQLDL
;
_entity_poly.pdbx_strand_id   A
#
# COMPACT_ATOMS: atom_id res chain seq x y z
N GLY A 3 -48.84 33.63 4.24
CA GLY A 3 -49.13 33.55 2.83
C GLY A 3 -48.42 32.40 2.15
N MET A 4 -48.23 32.52 0.83
CA MET A 4 -47.56 31.47 0.07
C MET A 4 -46.12 31.25 0.50
N LYS A 5 -45.62 30.04 0.25
CA LYS A 5 -44.21 29.76 0.43
C LYS A 5 -43.48 30.29 -0.81
N ILE A 6 -42.15 30.17 -0.81
CA ILE A 6 -41.31 30.76 -1.85
C ILE A 6 -40.26 29.75 -2.30
N GLU A 7 -39.92 29.74 -3.60
CA GLU A 7 -39.03 28.71 -4.14
C GLU A 7 -37.71 29.23 -4.72
N GLU A 8 -37.71 30.48 -5.17
CA GLU A 8 -36.52 31.06 -5.75
C GLU A 8 -35.95 32.11 -4.80
N GLY A 9 -36.40 32.06 -3.55
CA GLY A 9 -36.00 33.05 -2.56
C GLY A 9 -34.69 32.86 -1.86
N LYS A 10 -33.98 31.77 -2.19
CA LYS A 10 -32.81 31.40 -1.43
C LYS A 10 -31.67 30.88 -2.30
N LEU A 11 -30.45 30.99 -1.78
CA LEU A 11 -29.30 30.30 -2.38
C LEU A 11 -28.88 29.26 -1.36
N VAL A 12 -28.81 28.01 -1.78
CA VAL A 12 -28.29 26.95 -0.93
C VAL A 12 -26.89 26.63 -1.42
N ILE A 13 -25.93 26.68 -0.51
CA ILE A 13 -24.52 26.45 -0.86
C ILE A 13 -23.99 25.25 -0.10
N TRP A 14 -23.35 24.32 -0.83
CA TRP A 14 -22.67 23.18 -0.22
C TRP A 14 -21.16 23.38 -0.26
N ILE A 15 -20.51 23.17 0.88
CA ILE A 15 -19.05 23.19 0.96
C ILE A 15 -18.62 22.11 1.97
N ASN A 16 -17.42 21.56 1.83
CA ASN A 16 -17.01 20.49 2.73
C ASN A 16 -16.76 21.02 4.15
N GLY A 17 -16.95 20.14 5.13
CA GLY A 17 -16.86 20.51 6.53
C GLY A 17 -15.47 20.95 6.94
N ASP A 18 -14.45 20.57 6.17
CA ASP A 18 -13.10 20.95 6.54
C ASP A 18 -12.72 22.34 6.04
N LYS A 19 -13.67 22.99 5.33
CA LYS A 19 -13.49 24.35 4.80
C LYS A 19 -14.15 25.36 5.74
N GLY A 20 -13.86 26.65 5.54
CA GLY A 20 -14.38 27.68 6.42
C GLY A 20 -15.86 28.02 6.21
N TYR A 21 -16.75 27.08 6.51
CA TYR A 21 -18.17 27.30 6.24
C TYR A 21 -18.82 28.40 7.09
N ASN A 22 -18.32 28.63 8.29
CA ASN A 22 -18.86 29.68 9.12
C ASN A 22 -18.51 31.04 8.55
N GLY A 23 -17.29 31.17 8.06
CA GLY A 23 -16.88 32.37 7.35
C GLY A 23 -17.69 32.58 6.09
N LEU A 24 -17.91 31.51 5.33
CA LEU A 24 -18.70 31.59 4.11
C LEU A 24 -20.11 32.04 4.47
N ALA A 25 -20.62 31.56 5.61
CA ALA A 25 -21.96 31.97 6.03
C ALA A 25 -22.03 33.47 6.36
N GLU A 26 -20.96 34.04 6.92
CA GLU A 26 -20.92 35.49 7.13
C GLU A 26 -21.07 36.26 5.80
N VAL A 27 -20.40 35.79 4.75
CA VAL A 27 -20.57 36.39 3.41
C VAL A 27 -22.01 36.23 2.96
N GLY A 28 -22.60 35.07 3.28
CA GLY A 28 -24.00 34.84 2.94
C GLY A 28 -24.91 35.82 3.64
N LYS A 29 -24.59 36.10 4.91
CA LYS A 29 -25.39 37.03 5.68
C LYS A 29 -25.35 38.44 5.08
N LYS A 30 -24.20 38.81 4.53
CA LYS A 30 -24.08 40.14 3.92
C LYS A 30 -24.95 40.20 2.67
N PHE A 31 -24.83 39.18 1.83
CA PHE A 31 -25.64 39.04 0.63
C PHE A 31 -27.13 39.12 0.97
N GLU A 32 -27.54 38.39 2.00
CA GLU A 32 -28.92 38.45 2.48
C GLU A 32 -29.33 39.84 2.94
N LYS A 33 -28.44 40.50 3.70
CA LYS A 33 -28.71 41.86 4.16
C LYS A 33 -28.94 42.82 2.99
N ASP A 34 -28.18 42.61 1.92
CA ASP A 34 -28.21 43.51 0.77
C ASP A 34 -29.41 43.25 -0.15
N THR A 35 -29.78 41.98 -0.29
CA THR A 35 -30.75 41.58 -1.31
C THR A 35 -32.04 40.96 -0.80
N GLY A 36 -32.05 40.56 0.48
CA GLY A 36 -33.19 39.84 1.01
C GLY A 36 -33.25 38.36 0.64
N ILE A 37 -32.34 37.92 -0.23
CA ILE A 37 -32.24 36.49 -0.53
C ILE A 37 -31.45 35.79 0.57
N LYS A 38 -32.05 34.81 1.25
CA LYS A 38 -31.35 34.16 2.35
C LYS A 38 -30.39 33.14 1.80
N VAL A 39 -29.22 33.05 2.43
CA VAL A 39 -28.20 32.15 1.95
C VAL A 39 -28.02 31.12 3.03
N THR A 40 -28.10 29.85 2.66
CA THR A 40 -27.88 28.77 3.63
C THR A 40 -26.66 27.98 3.21
N VAL A 41 -25.66 27.94 4.08
CA VAL A 41 -24.45 27.16 3.82
C VAL A 41 -24.61 25.82 4.53
N GLU A 42 -24.45 24.73 3.80
CA GLU A 42 -24.56 23.41 4.36
C GLU A 42 -23.26 22.64 4.11
N HIS A 43 -22.92 21.72 5.01
CA HIS A 43 -21.77 20.87 4.80
C HIS A 43 -22.10 19.41 5.03
N PRO A 44 -22.91 18.84 4.13
CA PRO A 44 -23.34 17.45 4.30
C PRO A 44 -22.14 16.51 4.21
N ASP A 45 -22.19 15.40 4.94
CA ASP A 45 -21.13 14.41 4.79
C ASP A 45 -21.24 13.80 3.40
N LYS A 46 -20.11 13.57 2.75
CA LYS A 46 -20.07 12.94 1.43
C LYS A 46 -20.85 13.74 0.37
N LEU A 47 -20.79 15.06 0.47
CA LEU A 47 -21.58 15.90 -0.43
C LEU A 47 -21.17 15.66 -1.87
N GLU A 48 -19.90 15.32 -2.07
CA GLU A 48 -19.38 15.18 -3.43
C GLU A 48 -19.97 13.95 -4.08
N GLU A 49 -20.41 12.99 -3.27
CA GLU A 49 -21.10 11.80 -3.75
C GLU A 49 -22.61 12.03 -3.85
N LYS A 50 -23.14 12.83 -2.94
CA LYS A 50 -24.57 13.11 -2.89
C LYS A 50 -25.04 14.06 -4.01
N PHE A 51 -24.19 15.01 -4.38
CA PHE A 51 -24.56 16.02 -5.37
C PHE A 51 -25.12 15.43 -6.68
N PRO A 52 -24.41 14.48 -7.31
CA PRO A 52 -24.98 13.94 -8.55
C PRO A 52 -26.37 13.34 -8.36
N GLN A 53 -26.61 12.76 -7.20
CA GLN A 53 -27.91 12.14 -6.90
C GLN A 53 -29.02 13.16 -6.65
N VAL A 54 -28.71 14.23 -5.92
CA VAL A 54 -29.76 15.16 -5.48
C VAL A 54 -29.78 16.51 -6.20
N ALA A 55 -28.87 16.69 -7.16
CA ALA A 55 -28.70 18.00 -7.82
C ALA A 55 -30.02 18.60 -8.29
N ALA A 56 -30.88 17.75 -8.86
CA ALA A 56 -32.14 18.23 -9.43
C ALA A 56 -33.31 18.24 -8.45
N THR A 57 -33.09 17.78 -7.22
CA THR A 57 -34.18 17.65 -6.26
C THR A 57 -34.35 18.88 -5.38
N GLY A 58 -35.34 18.84 -4.49
CA GLY A 58 -35.56 19.92 -3.54
C GLY A 58 -34.34 20.20 -2.66
N ASP A 59 -33.51 19.18 -2.44
CA ASP A 59 -32.31 19.30 -1.61
C ASP A 59 -31.08 19.85 -2.36
N GLY A 60 -31.15 19.92 -3.68
CA GLY A 60 -30.00 20.33 -4.47
C GLY A 60 -29.52 21.73 -4.14
N PRO A 61 -28.19 21.92 -4.02
CA PRO A 61 -27.64 23.25 -3.75
C PRO A 61 -27.57 24.11 -5.02
N ASP A 62 -27.74 25.42 -4.89
CA ASP A 62 -27.51 26.30 -6.04
C ASP A 62 -26.03 26.34 -6.40
N ILE A 63 -25.17 26.26 -5.39
CA ILE A 63 -23.73 26.41 -5.59
C ILE A 63 -23.02 25.27 -4.86
N ILE A 64 -22.05 24.64 -5.52
CA ILE A 64 -21.26 23.58 -4.89
C ILE A 64 -19.77 23.92 -4.95
N PHE A 65 -19.10 23.83 -3.80
CA PHE A 65 -17.67 24.06 -3.67
C PHE A 65 -16.96 22.73 -3.56
N TRP A 66 -15.99 22.48 -4.44
CA TRP A 66 -15.16 21.28 -4.29
C TRP A 66 -13.90 21.45 -5.11
N ALA A 67 -12.89 20.62 -4.85
CA ALA A 67 -11.72 20.56 -5.73
C ALA A 67 -12.18 20.37 -7.16
N HIS A 68 -11.50 21.05 -8.09
CA HIS A 68 -11.86 21.04 -9.50
C HIS A 68 -11.87 19.65 -10.11
N ASP A 69 -11.22 18.68 -9.47
CA ASP A 69 -11.03 17.38 -10.11
C ASP A 69 -12.26 16.48 -10.04
N ARG A 70 -13.31 16.97 -9.38
CA ARG A 70 -14.62 16.32 -9.43
C ARG A 70 -15.52 16.94 -10.50
N PHE A 71 -15.21 18.16 -10.92
CA PHE A 71 -16.15 18.91 -11.74
C PHE A 71 -16.28 18.40 -13.17
N GLY A 72 -15.22 17.78 -13.69
CA GLY A 72 -15.25 17.19 -15.02
C GLY A 72 -16.37 16.16 -15.10
N GLY A 73 -16.40 15.27 -14.10
CA GLY A 73 -17.46 14.28 -14.00
C GLY A 73 -18.84 14.90 -13.89
N TYR A 74 -18.96 15.95 -13.07
CA TYR A 74 -20.26 16.62 -12.91
C TYR A 74 -20.70 17.25 -14.22
N ALA A 75 -19.77 17.91 -14.89
CA ALA A 75 -20.08 18.56 -16.18
C ALA A 75 -20.46 17.52 -17.23
N GLN A 76 -19.78 16.37 -17.18
CA GLN A 76 -20.03 15.27 -18.09
C GLN A 76 -21.47 14.79 -17.97
N SER A 77 -22.03 14.87 -16.76
CA SER A 77 -23.40 14.46 -16.55
C SER A 77 -24.37 15.62 -16.74
N GLY A 78 -23.86 16.77 -17.19
CA GLY A 78 -24.70 17.95 -17.38
C GLY A 78 -25.26 18.57 -16.11
N LEU A 79 -24.52 18.49 -15.01
CA LEU A 79 -25.01 18.97 -13.70
C LEU A 79 -24.60 20.40 -13.40
N LEU A 80 -23.66 20.92 -14.18
CA LEU A 80 -23.16 22.28 -13.94
C LEU A 80 -23.52 23.25 -15.06
N ALA A 81 -23.93 24.46 -14.69
CA ALA A 81 -24.21 25.51 -15.66
C ALA A 81 -22.90 26.08 -16.18
N GLU A 82 -22.87 26.50 -17.44
CA GLU A 82 -21.73 27.25 -17.93
C GLU A 82 -21.73 28.60 -17.23
N ILE A 83 -20.59 29.02 -16.71
CA ILE A 83 -20.54 30.33 -16.07
C ILE A 83 -20.16 31.35 -17.11
N THR A 84 -20.42 32.63 -16.81
CA THR A 84 -20.28 33.66 -17.83
C THR A 84 -19.49 34.90 -17.39
N PRO A 85 -18.34 34.71 -16.71
CA PRO A 85 -17.70 35.95 -16.25
C PRO A 85 -17.14 36.81 -17.39
N ASP A 86 -17.27 38.13 -17.29
CA ASP A 86 -16.76 39.02 -18.33
C ASP A 86 -15.24 39.10 -18.27
N LYS A 87 -14.62 39.77 -19.24
CA LYS A 87 -13.17 39.82 -19.28
C LYS A 87 -12.58 40.51 -18.04
N ALA A 88 -13.22 41.61 -17.64
CA ALA A 88 -12.79 42.35 -16.45
C ALA A 88 -12.74 41.43 -15.24
N PHE A 89 -13.77 40.61 -15.06
CA PHE A 89 -13.74 39.69 -13.93
C PHE A 89 -12.70 38.59 -14.10
N GLN A 90 -12.53 38.05 -15.29
CA GLN A 90 -11.55 36.98 -15.46
C GLN A 90 -10.14 37.47 -15.13
N ASP A 91 -9.88 38.73 -15.47
CA ASP A 91 -8.59 39.37 -15.23
C ASP A 91 -8.29 39.55 -13.76
N LYS A 92 -9.29 39.35 -12.90
CA LYS A 92 -9.11 39.47 -11.46
C LYS A 92 -8.46 38.25 -10.84
N LEU A 93 -8.51 37.12 -11.56
CA LEU A 93 -7.95 35.85 -11.09
C LEU A 93 -6.69 35.46 -11.88
N TYR A 94 -5.77 34.72 -11.27
CA TYR A 94 -4.61 34.21 -12.01
C TYR A 94 -5.08 33.33 -13.17
N PRO A 95 -4.59 33.60 -14.40
CA PRO A 95 -5.09 32.90 -15.61
C PRO A 95 -4.99 31.37 -15.51
N PHE A 96 -3.94 30.85 -14.87
CA PHE A 96 -3.81 29.40 -14.79
C PHE A 96 -4.92 28.74 -13.99
N THR A 97 -5.57 29.49 -13.10
CA THR A 97 -6.63 28.89 -12.29
C THR A 97 -7.86 28.61 -13.15
N TRP A 98 -8.10 29.45 -14.14
CA TRP A 98 -9.24 29.26 -15.03
C TRP A 98 -9.09 27.99 -15.86
N ASP A 99 -7.85 27.57 -16.12
CA ASP A 99 -7.59 26.36 -16.89
C ASP A 99 -8.08 25.10 -16.19
N ALA A 100 -8.16 25.17 -14.86
CA ALA A 100 -8.59 24.02 -14.08
C ALA A 100 -10.09 23.78 -14.21
N VAL A 101 -10.81 24.78 -14.71
CA VAL A 101 -12.26 24.70 -14.79
C VAL A 101 -12.81 24.93 -16.17
N ARG A 102 -11.95 24.75 -17.19
CA ARG A 102 -12.34 24.96 -18.58
C ARG A 102 -12.47 23.63 -19.30
N TYR A 103 -13.66 23.38 -19.87
CA TYR A 103 -13.87 22.20 -20.71
C TYR A 103 -14.16 22.71 -22.09
N ASN A 104 -13.16 22.52 -22.93
CA ASN A 104 -12.60 23.63 -23.70
C ASN A 104 -13.49 24.61 -24.44
N GLY A 105 -13.07 25.86 -24.33
CA GLY A 105 -13.95 26.99 -24.51
C GLY A 105 -14.60 27.27 -23.17
N LYS A 106 -15.42 26.34 -22.69
CA LYS A 106 -16.40 26.61 -21.64
C LYS A 106 -15.89 26.55 -20.20
N LEU A 107 -16.14 27.62 -19.46
CA LEU A 107 -15.90 27.62 -18.03
C LEU A 107 -17.09 27.03 -17.27
N ILE A 108 -16.81 26.12 -16.34
CA ILE A 108 -17.90 25.48 -15.57
C ILE A 108 -17.84 25.71 -14.06
N ALA A 109 -16.91 26.53 -13.60
CA ALA A 109 -16.80 26.84 -12.17
C ALA A 109 -15.92 28.06 -11.97
N TYR A 110 -16.02 28.65 -10.78
CA TYR A 110 -15.14 29.74 -10.36
C TYR A 110 -14.01 29.22 -9.47
N PRO A 111 -12.74 29.51 -9.85
CA PRO A 111 -11.63 29.10 -8.98
C PRO A 111 -11.63 29.95 -7.72
N ILE A 112 -11.30 29.34 -6.60
CA ILE A 112 -11.26 30.06 -5.33
C ILE A 112 -9.86 30.07 -4.73
N ALA A 113 -9.26 28.89 -4.59
CA ALA A 113 -7.94 28.75 -3.97
C ALA A 113 -7.12 27.65 -4.65
N VAL A 114 -5.80 27.68 -4.46
CA VAL A 114 -4.94 26.66 -5.04
C VAL A 114 -4.07 26.03 -3.99
N GLU A 115 -3.76 24.76 -4.20
CA GLU A 115 -2.99 24.03 -3.22
C GLU A 115 -1.95 23.19 -3.93
N ALA A 116 -0.72 23.20 -3.43
CA ALA A 116 0.38 22.42 -4.00
C ALA A 116 1.46 22.16 -2.97
N LEU A 117 2.31 21.17 -3.23
CA LEU A 117 3.44 20.88 -2.34
C LEU A 117 4.49 21.98 -2.41
N SER A 118 5.23 22.16 -1.33
CA SER A 118 6.42 23.01 -1.34
C SER A 118 7.60 22.30 -0.69
N LEU A 119 8.78 22.91 -0.79
CA LEU A 119 9.93 22.43 -0.04
C LEU A 119 9.85 23.09 1.32
N ILE A 120 9.86 22.27 2.37
CA ILE A 120 9.85 22.77 3.73
C ILE A 120 11.21 22.48 4.35
N TYR A 121 11.79 23.46 5.04
CA TYR A 121 13.16 23.30 5.54
C TYR A 121 13.37 23.84 6.94
N ASN A 122 14.32 23.24 7.65
CA ASN A 122 14.67 23.65 9.00
C ASN A 122 15.77 24.71 8.90
N LYS A 123 15.43 25.93 9.31
CA LYS A 123 16.34 27.09 9.18
C LYS A 123 17.55 27.01 10.09
N ASP A 124 17.44 26.23 11.16
CA ASP A 124 18.54 26.10 12.12
C ASP A 124 19.56 25.07 11.66
N LEU A 125 19.11 24.14 10.81
CA LEU A 125 20.03 23.17 10.21
C LEU A 125 20.49 23.66 8.84
N LEU A 126 19.67 24.49 8.21
CA LEU A 126 19.83 24.78 6.79
C LEU A 126 19.25 26.14 6.43
N PRO A 127 19.97 27.21 6.77
CA PRO A 127 19.48 28.58 6.54
C PRO A 127 19.33 28.89 5.06
N ASN A 128 20.11 28.23 4.21
CA ASN A 128 19.98 28.39 2.76
C ASN A 128 19.65 27.08 2.05
N PRO A 129 18.35 26.83 1.83
CA PRO A 129 17.94 25.56 1.21
C PRO A 129 18.42 25.46 -0.23
N PRO A 130 18.62 24.23 -0.73
CA PRO A 130 19.14 24.07 -2.09
C PRO A 130 18.12 24.45 -3.15
N LYS A 131 18.60 24.99 -4.28
CA LYS A 131 17.73 25.37 -5.38
C LYS A 131 17.61 24.23 -6.38
N THR A 132 18.48 23.22 -6.24
CA THR A 132 18.50 22.10 -7.17
C THR A 132 18.51 20.76 -6.45
N TRP A 133 17.94 19.75 -7.07
CA TRP A 133 17.96 18.39 -6.54
C TRP A 133 19.38 17.89 -6.54
N GLU A 134 20.14 18.30 -7.55
CA GLU A 134 21.52 17.82 -7.72
C GLU A 134 22.42 18.12 -6.51
N GLU A 135 22.08 19.16 -5.76
CA GLU A 135 22.85 19.62 -4.60
C GLU A 135 22.63 18.78 -3.36
N ILE A 136 21.55 18.02 -3.35
CA ILE A 136 21.11 17.33 -2.15
C ILE A 136 22.07 16.24 -1.62
N PRO A 137 22.70 15.45 -2.51
CA PRO A 137 23.60 14.44 -1.93
C PRO A 137 24.78 15.03 -1.13
N ALA A 138 25.41 16.08 -1.64
CA ALA A 138 26.55 16.68 -0.94
C ALA A 138 26.10 17.28 0.39
N LEU A 139 24.87 17.78 0.38
CA LEU A 139 24.27 18.40 1.54
C LEU A 139 23.97 17.32 2.57
N ASP A 140 23.56 16.14 2.10
CA ASP A 140 23.34 15.04 3.01
C ASP A 140 24.65 14.54 3.62
N LYS A 141 25.71 14.54 2.82
CA LYS A 141 27.01 14.12 3.35
C LYS A 141 27.45 15.03 4.51
N GLU A 142 27.28 16.34 4.32
CA GLU A 142 27.60 17.30 5.38
C GLU A 142 26.77 17.08 6.64
N LEU A 143 25.47 16.88 6.45
CA LEU A 143 24.56 16.74 7.58
C LEU A 143 24.70 15.40 8.33
N LYS A 144 24.99 14.34 7.60
CA LYS A 144 25.21 13.02 8.20
C LYS A 144 26.36 13.03 9.21
N ALA A 145 27.39 13.81 8.90
CA ALA A 145 28.52 13.98 9.80
C ALA A 145 28.06 14.57 11.14
N LYS A 146 27.01 15.37 11.10
CA LYS A 146 26.50 16.04 12.29
C LYS A 146 25.31 15.30 12.89
N GLY A 147 25.07 14.08 12.45
CA GLY A 147 24.00 13.25 12.99
C GLY A 147 22.61 13.54 12.43
N LYS A 148 22.56 14.10 11.22
CA LYS A 148 21.30 14.47 10.61
C LYS A 148 21.22 13.99 9.16
N SER A 149 20.09 14.21 8.52
CA SER A 149 19.96 13.94 7.10
C SER A 149 19.45 15.19 6.37
N ALA A 150 19.64 15.24 5.06
CA ALA A 150 19.23 16.39 4.27
C ALA A 150 17.72 16.43 4.07
N LEU A 151 17.15 15.29 3.72
CA LEU A 151 15.82 15.29 3.14
C LEU A 151 15.06 14.00 3.40
N MET A 152 13.85 14.13 3.92
CA MET A 152 12.97 12.97 4.06
C MET A 152 11.55 13.37 3.69
N PHE A 153 10.96 12.64 2.74
CA PHE A 153 9.56 12.85 2.36
C PHE A 153 8.94 11.50 1.92
N ASN A 154 7.62 11.49 1.77
CA ASN A 154 6.90 10.24 1.47
C ASN A 154 7.23 9.69 0.08
N LEU A 155 7.95 8.56 0.04
CA LEU A 155 8.33 7.93 -1.23
C LEU A 155 7.29 6.92 -1.70
N GLN A 156 6.27 6.68 -0.86
CA GLN A 156 5.29 5.65 -1.18
C GLN A 156 4.20 6.11 -2.15
N GLU A 157 4.06 7.43 -2.32
CA GLU A 157 2.95 7.96 -3.09
C GLU A 157 3.38 8.85 -4.25
N PRO A 158 2.91 8.54 -5.46
CA PRO A 158 3.28 9.33 -6.64
C PRO A 158 2.94 10.80 -6.53
N TYR A 159 1.93 11.16 -5.73
CA TYR A 159 1.62 12.58 -5.53
C TYR A 159 2.86 13.32 -5.05
N PHE A 160 3.68 12.63 -4.24
CA PHE A 160 4.91 13.22 -3.68
C PHE A 160 6.17 13.05 -4.54
N THR A 161 6.25 11.98 -5.31
CA THR A 161 7.46 11.68 -6.08
C THR A 161 7.41 12.16 -7.52
N TRP A 162 6.20 12.21 -8.08
CA TRP A 162 6.04 12.67 -9.45
C TRP A 162 6.58 14.09 -9.72
N PRO A 163 6.51 15.02 -8.74
CA PRO A 163 7.05 16.34 -9.12
C PRO A 163 8.50 16.29 -9.58
N LEU A 164 9.31 15.38 -9.02
CA LEU A 164 10.69 15.21 -9.48
C LEU A 164 10.73 14.41 -10.77
N ILE A 165 9.94 13.33 -10.82
CA ILE A 165 9.93 12.46 -11.98
C ILE A 165 9.45 13.22 -13.22
N ALA A 166 8.56 14.20 -13.02
CA ALA A 166 8.01 14.96 -14.14
C ALA A 166 8.88 16.14 -14.56
N ALA A 167 9.86 16.48 -13.73
CA ALA A 167 10.63 17.72 -13.93
C ALA A 167 11.29 17.80 -15.32
N ASP A 168 12.02 16.77 -15.69
CA ASP A 168 12.75 16.77 -16.95
C ASP A 168 11.75 16.56 -18.09
N GLY A 169 11.65 17.54 -18.98
CA GLY A 169 10.63 17.51 -20.02
C GLY A 169 9.29 18.09 -19.55
N GLY A 170 9.19 18.40 -18.26
CA GLY A 170 7.99 19.00 -17.71
C GLY A 170 6.69 18.31 -18.07
N TYR A 171 6.57 17.02 -17.70
CA TYR A 171 5.42 16.21 -18.09
C TYR A 171 4.06 16.89 -17.88
N ALA A 172 3.21 16.81 -18.90
CA ALA A 172 1.86 17.34 -18.82
C ALA A 172 0.86 16.25 -19.23
N PHE A 173 -0.32 16.27 -18.63
CA PHE A 173 -1.34 15.25 -18.90
C PHE A 173 -2.22 15.62 -20.08
N LYS A 174 -2.57 14.62 -20.89
CA LYS A 174 -3.45 14.80 -22.04
C LYS A 174 -4.84 15.23 -21.61
N ASP A 184 0.12 12.59 -25.34
CA ASP A 184 0.71 11.99 -24.15
C ASP A 184 2.08 11.37 -24.50
N VAL A 185 3.05 11.44 -23.58
CA VAL A 185 4.42 11.04 -23.93
C VAL A 185 4.97 9.59 -23.73
N GLY A 186 4.44 8.73 -22.86
CA GLY A 186 3.66 9.04 -21.68
C GLY A 186 4.59 8.84 -20.49
N VAL A 187 4.23 7.98 -19.53
CA VAL A 187 4.94 7.91 -18.25
C VAL A 187 6.31 7.24 -18.27
N ASP A 188 6.67 6.59 -19.37
CA ASP A 188 8.00 5.99 -19.48
C ASP A 188 8.90 6.80 -20.44
N ASN A 189 8.59 8.08 -20.60
CA ASN A 189 9.41 8.95 -21.45
C ASN A 189 10.81 9.13 -20.85
N ALA A 190 11.77 9.58 -21.65
CA ALA A 190 13.15 9.70 -21.18
C ALA A 190 13.31 10.63 -19.97
N GLY A 191 12.47 11.65 -19.88
CA GLY A 191 12.50 12.53 -18.73
C GLY A 191 12.08 11.84 -17.44
N ALA A 192 11.06 11.00 -17.52
CA ALA A 192 10.61 10.25 -16.34
C ALA A 192 11.71 9.25 -15.91
N LYS A 193 12.38 8.64 -16.88
CA LYS A 193 13.46 7.70 -16.54
C LYS A 193 14.59 8.42 -15.81
N ALA A 194 14.92 9.62 -16.25
CA ALA A 194 15.99 10.41 -15.62
C ALA A 194 15.63 10.78 -14.17
N GLY A 195 14.40 11.23 -13.97
CA GLY A 195 13.96 11.67 -12.66
C GLY A 195 13.84 10.50 -11.71
N LEU A 196 13.28 9.38 -12.18
CA LEU A 196 13.15 8.21 -11.31
C LEU A 196 14.53 7.65 -11.00
N THR A 197 15.42 7.68 -11.99
CA THR A 197 16.78 7.20 -11.77
C THR A 197 17.50 8.02 -10.70
N PHE A 198 17.32 9.33 -10.76
CA PHE A 198 17.93 10.19 -9.75
C PHE A 198 17.35 9.89 -8.37
N LEU A 199 16.04 9.71 -8.31
CA LEU A 199 15.37 9.34 -7.06
C LEU A 199 15.90 8.01 -6.51
N VAL A 200 16.01 6.99 -7.35
CA VAL A 200 16.53 5.71 -6.86
C VAL A 200 18.01 5.80 -6.49
N ASP A 201 18.76 6.63 -7.21
CA ASP A 201 20.17 6.85 -6.86
C ASP A 201 20.34 7.44 -5.44
N LEU A 202 19.46 8.36 -5.07
CA LEU A 202 19.44 8.91 -3.71
C LEU A 202 19.27 7.79 -2.69
N ILE A 203 18.43 6.81 -3.02
CA ILE A 203 18.24 5.64 -2.16
C ILE A 203 19.44 4.69 -2.15
N LYS A 204 19.97 4.36 -3.34
CA LYS A 204 21.13 3.49 -3.43
C LYS A 204 22.32 4.04 -2.65
N ASN A 205 22.45 5.36 -2.64
CA ASN A 205 23.57 6.00 -1.95
C ASN A 205 23.22 6.43 -0.53
N LYS A 206 22.12 5.90 0.02
CA LYS A 206 21.73 6.10 1.42
C LYS A 206 21.38 7.53 1.84
N HIS A 207 21.05 8.39 0.88
CA HIS A 207 20.61 9.74 1.23
C HIS A 207 19.14 9.71 1.63
N MET A 208 18.43 8.70 1.14
CA MET A 208 17.06 8.44 1.55
C MET A 208 16.81 6.95 1.72
N ASN A 209 15.71 6.60 2.40
CA ASN A 209 15.36 5.20 2.61
C ASN A 209 14.09 4.84 1.84
N ALA A 210 14.06 3.66 1.22
CA ALA A 210 12.98 3.28 0.31
C ALA A 210 11.63 3.06 1.00
N ASP A 211 11.66 2.72 2.29
CA ASP A 211 10.40 2.54 3.03
C ASP A 211 9.91 3.81 3.75
N THR A 212 10.57 4.95 3.49
CA THR A 212 10.15 6.20 4.10
C THR A 212 8.74 6.59 3.64
N ASP A 213 7.80 6.70 4.59
CA ASP A 213 6.43 7.06 4.26
C ASP A 213 6.02 8.39 4.85
N TYR A 214 4.75 8.75 4.76
CA TYR A 214 4.28 10.03 5.29
C TYR A 214 4.60 10.24 6.78
N SER A 215 4.26 9.25 7.61
CA SER A 215 4.45 9.36 9.07
C SER A 215 5.91 9.41 9.49
N ILE A 216 6.74 8.66 8.79
CA ILE A 216 8.16 8.62 9.12
C ILE A 216 8.81 9.96 8.77
N ALA A 217 8.48 10.48 7.58
CA ALA A 217 9.03 11.75 7.13
C ALA A 217 8.60 12.91 8.01
N GLU A 218 7.30 12.96 8.33
CA GLU A 218 6.75 14.00 9.20
C GLU A 218 7.41 13.99 10.58
N ALA A 219 7.60 12.80 11.14
CA ALA A 219 8.20 12.68 12.47
C ALA A 219 9.67 13.09 12.42
N ALA A 220 10.38 12.65 11.39
CA ALA A 220 11.79 12.99 11.25
C ALA A 220 11.96 14.51 11.16
N PHE A 221 11.12 15.16 10.35
CA PHE A 221 11.24 16.60 10.20
C PHE A 221 10.88 17.33 11.49
N ASN A 222 9.69 17.07 12.01
CA ASN A 222 9.19 17.79 13.20
C ASN A 222 9.94 17.50 14.50
N LYS A 223 10.82 16.51 14.49
CA LYS A 223 11.66 16.25 15.66
C LYS A 223 13.08 16.73 15.43
N GLY A 224 13.29 17.43 14.31
CA GLY A 224 14.56 18.07 14.01
C GLY A 224 15.65 17.13 13.51
N GLU A 225 15.27 16.05 12.86
CA GLU A 225 16.26 15.03 12.51
C GLU A 225 16.71 15.17 11.07
N THR A 226 15.89 15.83 10.26
CA THR A 226 16.21 16.00 8.85
C THR A 226 16.02 17.47 8.47
N ALA A 227 16.85 17.98 7.58
CA ALA A 227 16.84 19.39 7.26
C ALA A 227 15.66 19.82 6.40
N MET A 228 15.13 18.91 5.59
CA MET A 228 14.08 19.24 4.65
C MET A 228 13.05 18.14 4.55
N THR A 229 11.85 18.53 4.14
CA THR A 229 10.81 17.58 3.77
C THR A 229 9.99 18.19 2.64
N ILE A 230 9.16 17.39 1.99
CA ILE A 230 8.28 17.93 0.96
C ILE A 230 6.87 17.65 1.43
N ASN A 231 6.05 18.69 1.51
CA ASN A 231 4.69 18.53 2.01
C ASN A 231 3.84 19.75 1.69
N GLY A 232 2.54 19.65 1.99
CA GLY A 232 1.62 20.72 1.68
C GLY A 232 1.13 21.46 2.92
N PRO A 233 0.25 22.45 2.72
CA PRO A 233 -0.27 23.33 3.77
C PRO A 233 -0.93 22.58 4.94
N TRP A 234 -1.54 21.42 4.66
CA TRP A 234 -2.14 20.59 5.71
C TRP A 234 -1.13 20.13 6.76
N ALA A 235 0.15 20.20 6.42
CA ALA A 235 1.19 19.68 7.29
C ALA A 235 1.72 20.75 8.24
N TRP A 236 1.37 22.01 7.96
CA TRP A 236 1.93 23.17 8.68
C TRP A 236 1.57 23.20 10.15
N SER A 237 0.33 22.84 10.46
CA SER A 237 -0.12 22.87 11.86
C SER A 237 0.78 22.01 12.77
N ASN A 238 1.07 20.77 12.35
CA ASN A 238 1.94 19.93 13.16
C ASN A 238 3.36 20.49 13.29
N ILE A 239 3.84 21.18 12.24
CA ILE A 239 5.16 21.79 12.31
C ILE A 239 5.18 22.95 13.32
N ASP A 240 4.18 23.82 13.25
CA ASP A 240 4.01 24.89 14.23
C ASP A 240 4.05 24.33 15.65
N THR A 241 3.28 23.26 15.89
CA THR A 241 3.24 22.64 17.22
C THR A 241 4.63 22.14 17.66
N SER A 242 5.43 21.67 16.70
CA SER A 242 6.75 21.11 17.02
C SER A 242 7.78 22.18 17.38
N LYS A 243 7.46 23.43 17.05
CA LYS A 243 8.39 24.56 17.23
C LYS A 243 9.70 24.45 16.45
N VAL A 244 9.71 23.62 15.41
CA VAL A 244 10.81 23.66 14.44
C VAL A 244 10.79 25.05 13.82
N ASN A 245 11.96 25.69 13.72
CA ASN A 245 12.13 26.95 13.02
C ASN A 245 12.15 26.71 11.50
N TYR A 246 10.98 26.71 10.88
CA TYR A 246 10.90 26.25 9.49
C TYR A 246 10.58 27.33 8.49
N GLY A 247 10.98 27.10 7.24
CA GLY A 247 10.59 27.94 6.14
C GLY A 247 9.94 27.08 5.07
N VAL A 248 9.23 27.73 4.15
CA VAL A 248 8.57 27.04 3.05
C VAL A 248 9.01 27.77 1.79
N THR A 249 9.44 27.03 0.75
CA THR A 249 10.03 27.69 -0.42
C THR A 249 9.78 26.92 -1.72
N VAL A 250 10.32 27.43 -2.82
CA VAL A 250 10.10 26.79 -4.12
C VAL A 250 10.77 25.42 -4.13
N LEU A 251 10.15 24.42 -4.76
CA LEU A 251 10.76 23.09 -4.87
C LEU A 251 12.05 23.19 -5.66
N PRO A 252 13.01 22.28 -5.41
CA PRO A 252 14.28 22.35 -6.16
C PRO A 252 14.05 22.02 -7.64
N THR A 253 14.89 22.53 -8.54
CA THR A 253 14.80 22.15 -9.94
C THR A 253 15.57 20.85 -10.19
N PHE A 254 15.30 20.18 -11.30
CA PHE A 254 16.11 19.01 -11.69
C PHE A 254 16.49 19.16 -13.15
N LYS A 255 17.79 19.00 -13.44
CA LYS A 255 18.30 19.29 -14.78
C LYS A 255 17.87 20.70 -15.23
N GLY A 256 17.84 21.63 -14.28
CA GLY A 256 17.54 23.02 -14.58
C GLY A 256 16.05 23.34 -14.71
N GLN A 257 15.20 22.34 -14.56
CA GLN A 257 13.78 22.51 -14.83
C GLN A 257 12.96 22.38 -13.56
N PRO A 258 11.86 23.13 -13.44
CA PRO A 258 11.12 23.12 -12.17
C PRO A 258 10.52 21.76 -11.83
N SER A 259 10.51 21.42 -10.55
CA SER A 259 9.72 20.30 -10.08
C SER A 259 8.26 20.69 -10.32
N LYS A 260 7.43 19.71 -10.66
CA LYS A 260 6.06 19.99 -11.10
C LYS A 260 5.03 19.32 -10.21
N PRO A 261 4.66 19.96 -9.09
CA PRO A 261 3.68 19.37 -8.17
C PRO A 261 2.26 19.44 -8.73
N PHE A 262 1.42 18.49 -8.35
CA PHE A 262 0.02 18.56 -8.78
C PHE A 262 -0.67 19.71 -8.08
N VAL A 263 -1.53 20.42 -8.82
CA VAL A 263 -2.25 21.57 -8.25
C VAL A 263 -3.73 21.25 -8.06
N GLY A 264 -4.25 21.51 -6.86
CA GLY A 264 -5.67 21.35 -6.61
C GLY A 264 -6.30 22.73 -6.53
N VAL A 265 -7.39 22.94 -7.26
CA VAL A 265 -8.05 24.23 -7.27
C VAL A 265 -9.46 24.07 -6.70
N LEU A 266 -9.64 24.57 -5.48
CA LEU A 266 -10.97 24.59 -4.87
C LEU A 266 -11.81 25.51 -5.75
N SER A 267 -12.97 25.02 -6.17
CA SER A 267 -13.78 25.73 -7.15
C SER A 267 -15.25 25.76 -6.76
N ALA A 268 -15.99 26.73 -7.30
CA ALA A 268 -17.43 26.85 -7.03
C ALA A 268 -18.21 26.74 -8.33
N GLY A 269 -19.01 25.69 -8.44
CA GLY A 269 -19.84 25.51 -9.62
C GLY A 269 -21.29 25.87 -9.35
N ILE A 270 -22.00 26.23 -10.40
CA ILE A 270 -23.41 26.59 -10.27
C ILE A 270 -24.27 25.45 -10.81
N ASN A 271 -25.25 25.01 -10.01
CA ASN A 271 -26.11 23.87 -10.37
C ASN A 271 -26.87 24.17 -11.65
N ALA A 272 -26.78 23.30 -12.66
CA ALA A 272 -27.51 23.50 -13.92
C ALA A 272 -29.00 23.69 -13.68
N ALA A 273 -29.49 23.10 -12.59
CA ALA A 273 -30.93 23.16 -12.32
C ALA A 273 -31.35 24.33 -11.44
N SER A 274 -30.38 25.15 -11.01
CA SER A 274 -30.73 26.30 -10.14
C SER A 274 -31.59 27.29 -10.89
N PRO A 275 -32.67 27.77 -10.25
CA PRO A 275 -33.51 28.80 -10.85
C PRO A 275 -32.94 30.18 -10.55
N ASN A 276 -31.78 30.23 -9.90
CA ASN A 276 -31.17 31.52 -9.57
C ASN A 276 -29.72 31.65 -9.99
N LYS A 277 -29.44 31.34 -11.25
CA LYS A 277 -28.06 31.35 -11.71
C LYS A 277 -27.44 32.75 -11.68
N GLU A 278 -28.26 33.77 -11.95
CA GLU A 278 -27.75 35.15 -11.97
C GLU A 278 -27.41 35.63 -10.56
N LEU A 279 -28.26 35.28 -9.59
CA LEU A 279 -27.96 35.61 -8.20
C LEU A 279 -26.75 34.84 -7.67
N ALA A 280 -26.61 33.58 -8.11
CA ALA A 280 -25.43 32.78 -7.75
C ALA A 280 -24.19 33.47 -8.28
N LYS A 281 -24.26 33.92 -9.52
CA LYS A 281 -23.16 34.64 -10.15
C LYS A 281 -22.82 35.90 -9.37
N GLU A 282 -23.85 36.64 -8.96
CA GLU A 282 -23.66 37.85 -8.18
C GLU A 282 -23.00 37.55 -6.84
N PHE A 283 -23.47 36.50 -6.17
CA PHE A 283 -22.87 36.14 -4.89
C PHE A 283 -21.38 35.81 -5.06
N LEU A 284 -21.07 35.00 -6.06
CA LEU A 284 -19.69 34.55 -6.24
C LEU A 284 -18.75 35.65 -6.71
N GLU A 285 -19.18 36.42 -7.71
CA GLU A 285 -18.33 37.46 -8.28
C GLU A 285 -18.21 38.71 -7.42
N ASN A 286 -19.30 39.12 -6.79
CA ASN A 286 -19.30 40.42 -6.12
C ASN A 286 -19.36 40.37 -4.59
N TYR A 287 -19.44 39.16 -4.03
CA TYR A 287 -19.41 39.00 -2.57
C TYR A 287 -18.29 38.08 -2.11
N LEU A 288 -18.26 36.85 -2.64
CA LEU A 288 -17.21 35.92 -2.24
C LEU A 288 -15.84 36.28 -2.80
N LEU A 289 -15.75 36.38 -4.12
CA LEU A 289 -14.47 36.64 -4.77
C LEU A 289 -14.07 38.11 -4.67
N THR A 290 -14.02 38.60 -3.43
CA THR A 290 -13.54 39.96 -3.12
C THR A 290 -12.59 39.85 -1.95
N ASP A 291 -11.85 40.91 -1.67
CA ASP A 291 -10.90 40.86 -0.56
C ASP A 291 -11.65 40.59 0.73
N GLU A 292 -12.74 41.33 0.93
CA GLU A 292 -13.59 41.18 2.10
C GLU A 292 -14.20 39.78 2.22
N GLY A 293 -14.59 39.19 1.09
CA GLY A 293 -15.25 37.89 1.11
C GLY A 293 -14.28 36.77 1.43
N LEU A 294 -13.14 36.76 0.75
CA LEU A 294 -12.15 35.71 0.95
C LEU A 294 -11.58 35.79 2.37
N GLU A 295 -11.43 37.01 2.87
CA GLU A 295 -10.93 37.20 4.23
C GLU A 295 -11.85 36.57 5.28
N ALA A 296 -13.15 36.72 5.10
CA ALA A 296 -14.13 36.12 6.03
C ALA A 296 -13.96 34.61 6.10
N VAL A 297 -13.87 33.96 4.94
CA VAL A 297 -13.68 32.53 4.88
C VAL A 297 -12.32 32.13 5.46
N ASN A 298 -11.28 32.84 5.02
CA ASN A 298 -9.91 32.53 5.40
C ASN A 298 -9.68 32.64 6.92
N LYS A 299 -10.36 33.59 7.54
CA LYS A 299 -10.21 33.79 8.99
C LYS A 299 -10.80 32.64 9.79
N ASP A 300 -11.83 32.01 9.23
CA ASP A 300 -12.41 30.81 9.80
C ASP A 300 -11.42 29.65 9.66
N LYS A 301 -11.12 29.27 8.42
CA LYS A 301 -10.09 28.29 8.13
C LYS A 301 -9.31 28.73 6.89
N PRO A 302 -7.96 28.67 6.97
CA PRO A 302 -7.13 29.24 5.91
C PRO A 302 -7.37 28.62 4.53
N LEU A 303 -7.60 29.46 3.54
CA LEU A 303 -7.77 29.00 2.16
C LEU A 303 -6.43 28.63 1.54
N GLY A 304 -5.33 29.09 2.15
CA GLY A 304 -4.02 28.95 1.54
C GLY A 304 -3.81 30.05 0.51
N ALA A 305 -3.31 29.68 -0.66
CA ALA A 305 -3.12 30.63 -1.76
C ALA A 305 -4.44 30.78 -2.49
N VAL A 306 -4.85 32.01 -2.79
CA VAL A 306 -6.16 32.21 -3.41
C VAL A 306 -6.03 32.61 -4.88
N ALA A 307 -7.10 32.39 -5.65
CA ALA A 307 -7.10 32.67 -7.08
C ALA A 307 -7.24 34.16 -7.37
N LEU A 308 -7.78 34.91 -6.40
CA LEU A 308 -8.03 36.32 -6.56
C LEU A 308 -6.74 37.13 -6.35
N LYS A 309 -6.33 37.88 -7.37
CA LYS A 309 -5.02 38.52 -7.35
C LYS A 309 -4.90 39.53 -6.21
N SER A 310 -5.93 40.36 -6.04
CA SER A 310 -5.86 41.43 -5.05
C SER A 310 -5.64 40.89 -3.63
N TYR A 311 -6.29 39.78 -3.29
CA TYR A 311 -6.16 39.26 -1.95
C TYR A 311 -4.88 38.44 -1.81
N GLU A 312 -4.52 37.71 -2.87
CA GLU A 312 -3.29 36.93 -2.85
C GLU A 312 -2.09 37.83 -2.56
N GLU A 313 -2.16 39.07 -3.01
CA GLU A 313 -1.06 39.99 -2.78
C GLU A 313 -1.04 40.49 -1.33
N GLU A 314 -2.16 40.33 -0.64
CA GLU A 314 -2.20 40.57 0.81
C GLU A 314 -1.66 39.34 1.54
N LEU A 315 -2.12 38.16 1.14
CA LEU A 315 -1.71 36.91 1.77
C LEU A 315 -0.22 36.63 1.60
N ALA A 316 0.32 37.09 0.46
CA ALA A 316 1.70 36.79 0.10
C ALA A 316 2.76 37.32 1.08
N LYS A 317 2.36 38.14 2.05
CA LYS A 317 3.31 38.57 3.07
C LYS A 317 3.62 37.47 4.08
N ASP A 318 2.83 36.39 4.02
CA ASP A 318 3.21 35.11 4.61
C ASP A 318 3.96 34.38 3.53
N PRO A 319 5.30 34.30 3.66
CA PRO A 319 6.17 33.67 2.66
C PRO A 319 5.75 32.25 2.35
N ARG A 320 5.16 31.57 3.33
CA ARG A 320 4.72 30.18 3.12
C ARG A 320 3.67 30.11 2.01
N ILE A 321 2.77 31.10 2.01
CA ILE A 321 1.68 31.13 1.03
C ILE A 321 2.23 31.52 -0.34
N ALA A 322 3.18 32.46 -0.36
CA ALA A 322 3.87 32.84 -1.59
C ALA A 322 4.51 31.62 -2.24
N ALA A 323 5.11 30.77 -1.41
CA ALA A 323 5.72 29.54 -1.89
C ALA A 323 4.69 28.56 -2.46
N THR A 324 3.55 28.43 -1.78
CA THR A 324 2.48 27.58 -2.32
C THR A 324 2.07 28.02 -3.72
N MET A 325 1.90 29.32 -3.90
CA MET A 325 1.48 29.84 -5.21
C MET A 325 2.57 29.70 -6.27
N GLU A 326 3.83 29.95 -5.89
CA GLU A 326 4.92 29.79 -6.85
C GLU A 326 5.08 28.35 -7.34
N ASN A 327 5.00 27.38 -6.43
CA ASN A 327 5.05 25.99 -6.84
C ASN A 327 3.82 25.62 -7.67
N ALA A 328 2.67 26.18 -7.31
CA ALA A 328 1.43 25.87 -8.04
C ALA A 328 1.50 26.42 -9.47
N GLN A 329 2.09 27.60 -9.63
CA GLN A 329 2.19 28.20 -10.95
C GLN A 329 3.16 27.39 -11.83
N LYS A 330 4.05 26.65 -11.18
CA LYS A 330 5.04 25.85 -11.90
C LYS A 330 4.58 24.40 -12.06
N GLY A 331 3.46 24.06 -11.42
CA GLY A 331 3.00 22.68 -11.38
C GLY A 331 2.00 22.30 -12.46
N GLU A 332 1.37 21.14 -12.27
CA GLU A 332 0.43 20.58 -13.24
C GLU A 332 -0.95 20.56 -12.59
N ILE A 333 -1.95 21.18 -13.20
CA ILE A 333 -3.32 21.08 -12.69
C ILE A 333 -3.66 19.59 -12.57
N MET A 334 -4.17 19.15 -11.42
CA MET A 334 -4.47 17.73 -11.29
C MET A 334 -5.55 17.30 -12.29
N PRO A 335 -5.32 16.17 -12.98
CA PRO A 335 -6.36 15.66 -13.90
C PRO A 335 -7.60 15.26 -13.09
N ASN A 336 -8.75 15.16 -13.75
CA ASN A 336 -9.95 14.69 -13.06
C ASN A 336 -9.71 13.31 -12.48
N ILE A 337 -10.45 12.99 -11.41
CA ILE A 337 -10.22 11.79 -10.63
C ILE A 337 -10.02 10.47 -11.40
N PRO A 338 -10.89 10.19 -12.40
CA PRO A 338 -10.68 8.90 -13.07
C PRO A 338 -9.36 8.83 -13.82
N GLN A 339 -8.93 9.93 -14.44
CA GLN A 339 -7.62 9.94 -15.12
C GLN A 339 -6.51 9.86 -14.09
N MET A 340 -6.64 10.62 -13.01
CA MET A 340 -5.64 10.61 -11.95
C MET A 340 -5.53 9.21 -11.36
N SER A 341 -6.66 8.53 -11.16
CA SER A 341 -6.62 7.18 -10.60
C SER A 341 -5.85 6.20 -11.48
N ALA A 342 -6.11 6.24 -12.77
CA ALA A 342 -5.43 5.34 -13.68
C ALA A 342 -3.92 5.60 -13.62
N PHE A 343 -3.56 6.87 -13.62
CA PHE A 343 -2.16 7.27 -13.46
C PHE A 343 -1.57 6.76 -12.14
N TRP A 344 -2.28 7.01 -11.04
CA TRP A 344 -1.82 6.62 -9.70
C TRP A 344 -1.57 5.12 -9.61
N TYR A 345 -2.54 4.31 -10.03
CA TYR A 345 -2.39 2.85 -9.99
C TYR A 345 -1.09 2.42 -10.67
N ALA A 346 -0.89 2.92 -11.88
CA ALA A 346 0.26 2.51 -12.69
C ALA A 346 1.58 2.95 -12.08
N VAL A 347 1.68 4.23 -11.75
CA VAL A 347 2.96 4.80 -11.29
C VAL A 347 3.35 4.41 -9.87
N ARG A 348 2.36 4.19 -9.00
CA ARG A 348 2.66 3.84 -7.60
C ARG A 348 3.51 2.57 -7.52
N THR A 349 3.13 1.57 -8.31
CA THR A 349 3.87 0.31 -8.30
C THR A 349 5.25 0.49 -8.93
N ALA A 350 5.31 1.29 -9.99
CA ALA A 350 6.58 1.53 -10.66
C ALA A 350 7.61 2.09 -9.70
N VAL A 351 7.28 3.16 -9.00
CA VAL A 351 8.25 3.80 -8.11
C VAL A 351 8.64 2.86 -6.99
N ILE A 352 7.65 2.18 -6.42
CA ILE A 352 7.93 1.29 -5.30
C ILE A 352 8.84 0.13 -5.73
N ASN A 353 8.56 -0.47 -6.89
CA ASN A 353 9.42 -1.53 -7.45
C ASN A 353 10.84 -1.06 -7.74
N ALA A 354 10.97 0.12 -8.35
CA ALA A 354 12.29 0.71 -8.62
C ALA A 354 13.06 1.04 -7.34
N ALA A 355 12.36 1.69 -6.40
CA ALA A 355 12.96 2.06 -5.13
C ALA A 355 13.41 0.85 -4.30
N SER A 356 12.71 -0.27 -4.45
CA SER A 356 13.01 -1.47 -3.67
C SER A 356 13.94 -2.43 -4.40
N GLY A 357 14.18 -2.17 -5.68
CA GLY A 357 15.09 -2.99 -6.46
C GLY A 357 14.43 -4.20 -7.10
N ARG A 358 13.12 -4.29 -6.95
CA ARG A 358 12.33 -5.34 -7.58
C ARG A 358 12.50 -5.29 -9.11
N GLN A 359 12.57 -4.08 -9.66
CA GLN A 359 12.78 -3.86 -11.08
C GLN A 359 13.79 -2.74 -11.31
N THR A 360 14.37 -2.67 -12.50
CA THR A 360 15.17 -1.52 -12.89
C THR A 360 14.20 -0.38 -13.21
N VAL A 361 14.70 0.85 -13.21
CA VAL A 361 13.87 2.00 -13.55
C VAL A 361 13.19 1.84 -14.90
N ASP A 362 13.96 1.38 -15.89
CA ASP A 362 13.45 1.22 -17.24
C ASP A 362 12.28 0.26 -17.29
N GLU A 363 12.47 -0.91 -16.70
CA GLU A 363 11.42 -1.92 -16.77
C GLU A 363 10.20 -1.51 -15.93
N ALA A 364 10.45 -0.78 -14.85
CA ALA A 364 9.36 -0.34 -13.99
C ALA A 364 8.47 0.67 -14.71
N LEU A 365 9.09 1.64 -15.37
CA LEU A 365 8.32 2.64 -16.11
C LEU A 365 7.71 2.03 -17.35
N LYS A 366 8.38 1.03 -17.93
CA LYS A 366 7.80 0.32 -19.08
C LYS A 366 6.47 -0.33 -18.72
N ASP A 367 6.46 -1.06 -17.60
CA ASP A 367 5.21 -1.68 -17.15
C ASP A 367 4.18 -0.63 -16.69
N ALA A 368 4.64 0.45 -16.06
CA ALA A 368 3.71 1.53 -15.68
C ALA A 368 2.92 2.04 -16.88
N GLN A 369 3.62 2.23 -18.00
CA GLN A 369 2.99 2.73 -19.21
C GLN A 369 2.00 1.73 -19.80
N THR A 370 2.38 0.46 -19.88
CA THR A 370 1.45 -0.54 -20.43
C THR A 370 0.27 -0.75 -19.50
N ASN A 371 0.53 -0.77 -18.19
CA ASN A 371 -0.56 -0.85 -17.23
C ASN A 371 -1.51 0.34 -17.37
N LYS A 372 -0.96 1.53 -17.54
CA LYS A 372 -1.77 2.73 -17.72
C LYS A 372 -2.66 2.63 -18.98
N GLN A 373 -2.14 2.04 -20.05
CA GLN A 373 -2.95 1.84 -21.25
C GLN A 373 -4.20 1.05 -20.89
N TRP A 374 -4.00 -0.03 -20.13
CA TRP A 374 -5.11 -0.86 -19.69
C TRP A 374 -6.05 -0.10 -18.76
N TYR A 375 -5.50 0.62 -17.79
CA TYR A 375 -6.36 1.31 -16.82
C TYR A 375 -7.15 2.42 -17.52
N ASP A 376 -6.52 3.13 -18.44
CA ASP A 376 -7.24 4.17 -19.19
C ASP A 376 -8.36 3.56 -20.04
N ALA A 377 -8.07 2.42 -20.65
CA ALA A 377 -9.07 1.76 -21.51
C ALA A 377 -10.27 1.31 -20.67
N LEU A 378 -10.00 0.73 -19.51
CA LEU A 378 -11.08 0.29 -18.64
C LEU A 378 -11.87 1.45 -18.01
N THR A 379 -11.18 2.55 -17.69
CA THR A 379 -11.86 3.75 -17.22
C THR A 379 -12.80 4.26 -18.31
N TRP A 380 -12.34 4.21 -19.57
CA TRP A 380 -13.20 4.62 -20.67
C TRP A 380 -14.41 3.67 -20.77
N MET A 381 -14.19 2.39 -20.53
CA MET A 381 -15.27 1.43 -20.68
C MET A 381 -16.34 1.75 -19.64
N ARG A 382 -15.86 2.07 -18.43
CA ARG A 382 -16.76 2.36 -17.33
C ARG A 382 -17.69 3.53 -17.64
N GLU A 383 -17.16 4.55 -18.30
CA GLU A 383 -17.96 5.75 -18.59
C GLU A 383 -18.75 5.66 -19.90
N ASN A 384 -18.43 4.69 -20.75
CA ASN A 384 -19.01 4.67 -22.11
C ASN A 384 -19.82 3.44 -22.52
N THR A 385 -20.07 2.52 -21.59
CA THR A 385 -20.92 1.37 -21.85
C THR A 385 -22.10 1.43 -20.87
N PRO A 386 -23.23 0.80 -21.22
CA PRO A 386 -24.47 0.97 -20.44
C PRO A 386 -24.50 0.39 -19.01
N ASP A 387 -25.55 0.79 -18.27
CA ASP A 387 -25.81 0.34 -16.91
C ASP A 387 -24.78 0.80 -15.88
N GLY A 388 -24.26 2.01 -16.10
CA GLY A 388 -23.28 2.61 -15.19
C GLY A 388 -23.65 2.52 -13.72
N GLU A 389 -24.78 3.11 -13.34
CA GLU A 389 -25.17 3.22 -11.94
C GLU A 389 -25.59 1.91 -11.27
N LYS A 390 -25.87 0.88 -12.08
CA LYS A 390 -26.23 -0.42 -11.52
C LYS A 390 -25.00 -1.26 -11.19
N TYR A 391 -23.89 -0.99 -11.87
CA TYR A 391 -22.63 -1.67 -11.62
C TYR A 391 -21.84 -1.01 -10.48
N ASP A 392 -22.08 0.28 -10.24
CA ASP A 392 -21.33 0.99 -9.20
C ASP A 392 -21.66 0.54 -7.78
N GLU A 393 -22.90 0.10 -7.54
CA GLU A 393 -23.20 -0.59 -6.30
C GLU A 393 -22.64 -2.01 -6.41
N TYR A 394 -21.37 -2.15 -6.04
CA TYR A 394 -20.58 -3.34 -6.34
C TYR A 394 -20.21 -4.11 -5.06
N PRO A 412 -26.59 -10.80 -11.66
CA PRO A 412 -28.03 -10.99 -11.89
C PRO A 412 -28.35 -11.18 -13.38
N PHE A 413 -29.64 -11.37 -13.67
CA PHE A 413 -30.07 -11.63 -15.04
C PHE A 413 -29.64 -10.53 -16.02
N GLU A 414 -30.07 -9.29 -15.78
CA GLU A 414 -29.87 -8.20 -16.73
C GLU A 414 -28.45 -7.63 -16.79
N THR A 415 -27.44 -8.47 -16.51
CA THR A 415 -26.06 -8.05 -16.67
C THR A 415 -25.52 -8.54 -18.01
N TYR A 416 -24.43 -7.94 -18.46
CA TYR A 416 -23.74 -8.44 -19.66
C TYR A 416 -22.32 -8.77 -19.28
N GLY A 417 -21.64 -9.52 -20.15
CA GLY A 417 -20.27 -9.91 -19.88
C GLY A 417 -19.24 -9.21 -20.74
N VAL A 418 -18.04 -9.04 -20.19
CA VAL A 418 -16.91 -8.50 -20.94
C VAL A 418 -15.91 -9.65 -21.05
N ILE A 419 -15.56 -10.06 -22.26
CA ILE A 419 -14.67 -11.21 -22.38
C ILE A 419 -13.24 -10.75 -22.70
N SER A 420 -12.26 -11.33 -22.01
CA SER A 420 -10.85 -10.98 -22.22
C SER A 420 -10.07 -12.14 -21.66
N TRP A 421 -8.75 -12.08 -21.69
CA TRP A 421 -7.99 -13.20 -21.12
C TRP A 421 -8.10 -13.13 -19.61
N TRP A 422 -7.95 -14.26 -18.95
CA TRP A 422 -8.22 -14.31 -17.52
CA TRP A 422 -8.23 -14.33 -17.52
C TRP A 422 -7.24 -13.47 -16.70
N ASP A 423 -6.10 -13.13 -17.28
CA ASP A 423 -5.12 -12.28 -16.59
C ASP A 423 -5.69 -10.92 -16.24
N TYR A 424 -6.79 -10.54 -16.89
CA TYR A 424 -7.24 -9.16 -16.82
C TYR A 424 -8.56 -9.00 -16.09
N GLY A 425 -9.13 -10.11 -15.63
CA GLY A 425 -10.47 -10.08 -15.07
C GLY A 425 -10.60 -9.18 -13.86
N HIS A 426 -9.62 -9.19 -12.97
CA HIS A 426 -9.70 -8.39 -11.75
C HIS A 426 -9.64 -6.88 -12.05
N TRP A 427 -8.93 -6.52 -13.12
CA TRP A 427 -8.92 -5.12 -13.59
C TRP A 427 -10.26 -4.74 -14.17
N ILE A 428 -10.85 -5.64 -14.96
CA ILE A 428 -12.15 -5.38 -15.55
C ILE A 428 -13.16 -5.11 -14.44
N GLU A 429 -13.09 -5.90 -13.38
CA GLU A 429 -14.01 -5.71 -12.28
C GLU A 429 -13.69 -4.42 -11.50
N ALA A 430 -12.41 -4.20 -11.19
CA ALA A 430 -12.06 -3.12 -10.27
C ALA A 430 -12.03 -1.74 -10.95
N VAL A 431 -11.65 -1.72 -12.21
CA VAL A 431 -11.49 -0.44 -12.91
C VAL A 431 -12.66 -0.10 -13.81
N ALA A 432 -13.05 -1.04 -14.69
CA ALA A 432 -14.21 -0.81 -15.54
C ALA A 432 -15.55 -0.94 -14.80
N HIS A 433 -15.54 -1.51 -13.60
CA HIS A 433 -16.78 -1.88 -12.90
C HIS A 433 -17.75 -2.64 -13.81
N ARG A 434 -17.23 -3.60 -14.58
CA ARG A 434 -18.06 -4.49 -15.39
C ARG A 434 -17.75 -5.95 -15.01
N MET A 435 -18.61 -6.88 -15.42
CA MET A 435 -18.45 -8.29 -15.08
C MET A 435 -17.62 -9.03 -16.13
N PRO A 436 -16.44 -9.54 -15.75
CA PRO A 436 -15.61 -10.30 -16.69
C PRO A 436 -16.07 -11.75 -16.80
N ILE A 437 -15.98 -12.34 -17.99
CA ILE A 437 -16.29 -13.75 -18.16
C ILE A 437 -15.24 -14.55 -17.41
N ALA A 438 -13.99 -14.10 -17.53
CA ALA A 438 -12.86 -14.84 -16.98
C ALA A 438 -12.31 -14.07 -15.79
N ASN A 439 -12.62 -14.56 -14.59
CA ASN A 439 -12.43 -13.76 -13.39
C ASN A 439 -11.64 -14.48 -12.31
N PRO A 440 -10.40 -14.04 -12.08
CA PRO A 440 -9.49 -14.48 -11.01
C PRO A 440 -10.15 -14.63 -9.66
N PHE A 441 -10.78 -13.56 -9.17
CA PHE A 441 -11.41 -13.53 -7.85
C PHE A 441 -12.19 -14.81 -7.56
N GLN A 442 -13.13 -15.13 -8.43
CA GLN A 442 -14.01 -16.28 -8.21
C GLN A 442 -13.45 -17.59 -8.74
N ALA A 443 -12.12 -17.68 -8.78
CA ALA A 443 -11.48 -18.95 -9.07
C ALA A 443 -10.93 -19.45 -7.75
N GLY A 444 -11.59 -19.06 -6.66
CA GLY A 444 -11.25 -19.57 -5.34
C GLY A 444 -9.98 -18.98 -4.76
N ILE A 445 -9.63 -17.78 -5.22
CA ILE A 445 -8.41 -17.13 -4.73
C ILE A 445 -8.64 -16.38 -3.41
N GLY A 446 -9.81 -15.77 -3.26
CA GLY A 446 -10.11 -15.02 -2.04
C GLY A 446 -9.11 -13.91 -1.73
N ASN A 447 -9.19 -13.35 -0.52
CA ASN A 447 -8.26 -12.30 -0.11
C ASN A 447 -8.27 -12.13 1.40
N LYS A 448 -7.27 -11.41 1.92
CA LYS A 448 -7.16 -11.18 3.36
C LYS A 448 -7.79 -9.85 3.75
N TYR A 449 -7.67 -8.86 2.87
CA TYR A 449 -8.08 -7.49 3.21
C TYR A 449 -9.60 -7.35 3.35
N ASN A 450 -10.34 -8.28 2.75
CA ASN A 450 -11.79 -8.27 2.83
C ASN A 450 -12.31 -9.57 3.46
N ASN A 451 -11.40 -10.38 3.96
CA ASN A 451 -11.76 -11.64 4.62
C ASN A 451 -12.61 -12.56 3.72
N VAL A 452 -12.25 -12.64 2.45
CA VAL A 452 -12.91 -13.57 1.52
C VAL A 452 -12.12 -14.89 1.49
N PRO A 453 -12.71 -15.97 2.01
CA PRO A 453 -11.99 -17.24 2.05
C PRO A 453 -11.55 -17.68 0.66
N GLY A 454 -10.29 -18.12 0.53
CA GLY A 454 -9.75 -18.56 -0.74
C GLY A 454 -8.32 -19.03 -0.54
N ALA A 455 -7.67 -19.47 -1.61
CA ALA A 455 -6.32 -19.99 -1.48
C ALA A 455 -5.36 -18.94 -0.91
N SER A 456 -5.46 -17.70 -1.35
CA SER A 456 -4.46 -16.71 -0.94
C SER A 456 -4.61 -16.37 0.53
N SER A 457 -5.84 -16.32 1.01
CA SER A 457 -6.04 -15.98 2.42
C SER A 457 -5.75 -17.18 3.32
N PHE A 458 -5.75 -18.38 2.76
CA PHE A 458 -5.40 -19.56 3.55
C PHE A 458 -3.89 -19.67 3.72
N PHE A 459 -3.18 -19.61 2.61
CA PHE A 459 -1.73 -19.79 2.63
C PHE A 459 -0.97 -18.63 3.26
N THR A 460 -1.55 -17.43 3.25
CA THR A 460 -0.93 -16.28 3.94
C THR A 460 -1.54 -16.04 5.32
N ALA A 461 -2.37 -16.97 5.79
CA ALA A 461 -3.03 -16.81 7.08
C ALA A 461 -1.98 -16.64 8.16
N GLU A 462 -2.19 -15.65 9.02
CA GLU A 462 -1.16 -15.28 9.98
C GLU A 462 -1.21 -16.07 11.29
N ASN A 463 -2.28 -16.86 11.45
CA ASN A 463 -2.36 -17.80 12.58
C ASN A 463 -3.32 -18.94 12.23
N GLU A 464 -3.34 -20.02 13.02
CA GLU A 464 -4.13 -21.17 12.60
C GLU A 464 -5.62 -20.89 12.71
N SER A 465 -6.00 -20.08 13.69
CA SER A 465 -7.40 -19.73 13.87
C SER A 465 -7.95 -19.10 12.58
N TYR A 466 -7.16 -18.21 11.99
CA TYR A 466 -7.56 -17.57 10.72
C TYR A 466 -7.58 -18.61 9.60
N ALA A 467 -6.60 -19.51 9.58
CA ALA A 467 -6.58 -20.55 8.56
C ALA A 467 -7.82 -21.43 8.69
N GLU A 468 -8.22 -21.69 9.93
CA GLU A 468 -9.37 -22.55 10.17
C GLU A 468 -10.68 -21.87 9.76
N PHE A 469 -10.80 -20.57 10.01
CA PHE A 469 -11.90 -19.79 9.46
C PHE A 469 -12.01 -20.02 7.95
N VAL A 470 -10.91 -19.85 7.24
CA VAL A 470 -10.92 -19.99 5.77
C VAL A 470 -11.26 -21.42 5.36
N ALA A 471 -10.57 -22.39 5.98
CA ALA A 471 -10.76 -23.80 5.64
C ALA A 471 -12.19 -24.28 5.89
N GLU A 472 -12.78 -23.88 7.00
CA GLU A 472 -14.13 -24.33 7.31
C GLU A 472 -15.13 -23.74 6.32
N LYS A 473 -14.93 -22.48 5.94
CA LYS A 473 -15.82 -21.84 4.99
C LYS A 473 -15.82 -22.58 3.65
N LEU A 474 -14.67 -23.13 3.31
CA LEU A 474 -14.45 -23.77 2.03
C LEU A 474 -14.55 -25.32 2.10
N ASN A 475 -14.85 -25.85 3.28
CA ASN A 475 -14.88 -27.30 3.51
C ASN A 475 -13.60 -28.01 3.09
N VAL A 476 -12.46 -27.43 3.46
CA VAL A 476 -11.16 -28.01 3.14
C VAL A 476 -10.93 -29.31 3.92
N LYS A 477 -10.52 -30.36 3.23
CA LYS A 477 -10.11 -31.59 3.92
C LYS A 477 -8.64 -31.92 3.66
N TYR A 478 -8.12 -31.52 2.50
CA TYR A 478 -6.70 -31.73 2.17
C TYR A 478 -6.01 -30.47 1.66
N VAL A 479 -4.73 -30.35 1.96
CA VAL A 479 -3.90 -29.24 1.49
C VAL A 479 -2.77 -29.83 0.66
N VAL A 480 -2.49 -29.24 -0.51
CA VAL A 480 -1.32 -29.64 -1.27
C VAL A 480 -0.42 -28.42 -1.43
N SER A 481 0.83 -28.54 -1.00
CA SER A 481 1.79 -27.45 -1.15
C SER A 481 3.03 -27.97 -1.88
N ASP A 482 3.56 -27.17 -2.80
CA ASP A 482 4.86 -27.49 -3.36
C ASP A 482 5.90 -26.43 -2.98
N ILE A 483 7.14 -26.67 -3.39
CA ILE A 483 8.24 -25.81 -2.98
C ILE A 483 8.16 -24.45 -3.69
N GLU A 484 7.50 -24.41 -4.84
CA GLU A 484 7.25 -23.13 -5.54
C GLU A 484 6.31 -22.23 -4.71
N MET A 485 5.27 -22.82 -4.12
CA MET A 485 4.39 -22.06 -3.23
C MET A 485 5.13 -21.55 -2.00
N GLU A 486 6.13 -22.33 -1.57
CA GLU A 486 6.95 -21.96 -0.42
C GLU A 486 7.89 -20.81 -0.76
N THR A 487 8.39 -20.80 -1.99
CA THR A 487 9.44 -19.87 -2.36
C THR A 487 8.95 -18.81 -3.34
N GLY A 488 9.25 -18.98 -4.63
CA GLY A 488 8.98 -17.96 -5.63
C GLY A 488 7.53 -17.54 -5.84
N LYS A 489 6.60 -18.48 -5.66
CA LYS A 489 5.20 -18.17 -5.89
C LYS A 489 4.51 -17.59 -4.67
N TYR A 490 5.17 -17.62 -3.52
CA TYR A 490 4.57 -17.05 -2.31
C TYR A 490 4.27 -15.58 -2.57
N TYR A 491 5.15 -14.92 -3.31
CA TYR A 491 4.98 -13.50 -3.59
C TYR A 491 3.61 -13.23 -4.22
N ALA A 492 3.28 -14.01 -5.25
CA ALA A 492 1.97 -13.88 -5.90
C ALA A 492 0.81 -14.11 -4.93
N MET A 493 0.93 -15.11 -4.07
CA MET A 493 -0.13 -15.38 -3.11
C MET A 493 -0.32 -14.19 -2.19
N ALA A 494 0.78 -13.55 -1.82
CA ALA A 494 0.69 -12.42 -0.90
C ALA A 494 0.10 -11.20 -1.59
N VAL A 495 0.44 -11.00 -2.87
CA VAL A 495 -0.12 -9.89 -3.63
C VAL A 495 -1.63 -10.03 -3.74
N TRP A 496 -2.09 -11.25 -4.02
CA TRP A 496 -3.53 -11.47 -4.09
C TRP A 496 -4.19 -11.32 -2.73
N ALA A 497 -3.56 -11.87 -1.69
CA ALA A 497 -4.11 -11.79 -0.34
C ALA A 497 -4.28 -10.33 0.10
N GLU A 498 -3.29 -9.50 -0.21
CA GLU A 498 -3.26 -8.11 0.23
C GLU A 498 -3.96 -7.22 -0.79
N GLY A 499 -4.11 -7.73 -2.02
CA GLY A 499 -4.82 -7.00 -3.06
C GLY A 499 -4.00 -5.84 -3.59
N ASP A 500 -2.69 -5.94 -3.44
CA ASP A 500 -1.80 -4.83 -3.73
C ASP A 500 -0.36 -5.31 -3.80
N LEU A 501 0.39 -4.85 -4.81
CA LEU A 501 1.81 -5.22 -4.93
C LEU A 501 2.68 -4.69 -3.78
N PRO A 502 2.61 -3.38 -3.46
CA PRO A 502 3.44 -2.84 -2.37
C PRO A 502 3.19 -3.51 -1.03
N LEU A 503 1.93 -3.75 -0.68
CA LEU A 503 1.59 -4.37 0.61
C LEU A 503 2.26 -5.73 0.82
N ALA A 504 2.61 -6.41 -0.27
CA ALA A 504 3.25 -7.72 -0.17
C ALA A 504 4.71 -7.58 0.24
N GLU A 505 5.24 -6.37 0.22
CA GLU A 505 6.66 -6.18 0.53
C GLU A 505 6.99 -6.50 1.98
N LYS A 506 5.98 -6.43 2.85
CA LYS A 506 6.21 -6.67 4.28
C LYS A 506 6.52 -8.13 4.56
N TYR A 507 6.29 -9.00 3.58
CA TYR A 507 6.64 -10.41 3.74
C TYR A 507 8.12 -10.69 3.47
N TYR A 508 8.88 -9.65 3.12
CA TYR A 508 10.27 -9.85 2.68
C TYR A 508 11.29 -8.95 3.38
N GLY A 509 12.49 -9.49 3.57
CA GLY A 509 13.58 -8.78 4.21
C GLY A 509 14.68 -8.45 3.21
N GLY A 510 15.90 -8.94 3.46
CA GLY A 510 17.05 -8.53 2.66
C GLY A 510 17.77 -9.66 1.93
N TYR A 511 19.10 -9.64 2.01
CA TYR A 511 19.93 -10.52 1.16
C TYR A 511 21.15 -11.08 1.88
N PHE A 512 21.48 -12.33 1.60
CA PHE A 512 22.77 -12.89 1.97
C PHE A 512 23.82 -12.44 0.96
N TYR A 513 25.07 -12.26 1.41
CA TYR A 513 26.16 -11.87 0.54
C TYR A 513 27.48 -12.34 1.13
N TYR A 514 28.53 -12.33 0.31
CA TYR A 514 29.89 -12.45 0.82
C TYR A 514 30.64 -11.18 0.55
N SER A 515 31.24 -10.61 1.58
CA SER A 515 31.94 -9.35 1.44
C SER A 515 33.23 -9.61 0.67
N PRO A 516 33.89 -8.54 0.20
CA PRO A 516 35.17 -8.73 -0.48
C PRO A 516 36.25 -9.32 0.41
N THR A 517 36.06 -9.33 1.73
CA THR A 517 37.04 -9.93 2.63
C THR A 517 36.69 -11.39 2.94
N GLY A 518 35.64 -11.89 2.31
CA GLY A 518 35.26 -13.29 2.45
C GLY A 518 34.27 -13.53 3.58
N THR A 519 33.89 -12.46 4.28
CA THR A 519 32.97 -12.61 5.41
C THR A 519 31.54 -12.77 4.91
N PHE A 520 30.86 -13.81 5.38
CA PHE A 520 29.46 -14.05 5.05
C PHE A 520 28.57 -13.15 5.91
N GLY A 521 27.55 -12.55 5.29
CA GLY A 521 26.71 -11.62 6.01
C GLY A 521 25.25 -11.59 5.56
N TYR A 522 24.43 -10.89 6.32
CA TYR A 522 23.04 -10.62 5.94
C TYR A 522 22.78 -9.13 6.07
N ALA A 523 22.11 -8.57 5.07
CA ALA A 523 21.76 -7.14 5.12
C ALA A 523 20.27 -6.98 4.93
N ASN A 524 19.66 -6.07 5.70
CA ASN A 524 18.23 -5.80 5.59
C ASN A 524 17.94 -5.20 4.23
N SER A 525 18.90 -4.41 3.75
CA SER A 525 18.78 -3.72 2.49
C SER A 525 19.98 -4.01 1.60
N GLN A 526 19.71 -4.31 0.34
CA GLN A 526 20.71 -4.47 -0.70
C GLN A 526 21.70 -3.33 -0.69
N TRP A 527 21.22 -2.13 -0.40
CA TRP A 527 22.08 -0.94 -0.46
C TRP A 527 23.02 -0.83 0.73
N ASP A 528 22.80 -1.66 1.74
CA ASP A 528 23.70 -1.71 2.89
C ASP A 528 24.86 -2.68 2.67
N ILE A 529 24.83 -3.41 1.56
CA ILE A 529 25.86 -4.39 1.23
C ILE A 529 27.12 -3.72 0.71
N PRO A 530 28.29 -4.11 1.27
CA PRO A 530 29.56 -3.52 0.83
C PRO A 530 29.75 -3.68 -0.67
N LEU A 531 30.39 -2.71 -1.30
CA LEU A 531 30.68 -2.76 -2.72
C LEU A 531 31.55 -3.97 -3.01
N ASN A 532 31.46 -4.51 -4.23
CA ASN A 532 32.27 -5.64 -4.64
C ASN A 532 31.99 -6.91 -3.84
N SER A 533 30.84 -6.98 -3.18
CA SER A 533 30.42 -8.22 -2.55
C SER A 533 29.85 -9.15 -3.59
N ILE A 534 29.82 -10.44 -3.28
CA ILE A 534 29.02 -11.38 -4.05
C ILE A 534 27.65 -11.50 -3.38
N ILE A 535 26.61 -11.01 -4.04
CA ILE A 535 25.28 -11.02 -3.47
C ILE A 535 24.50 -12.20 -3.99
N ILE A 536 23.97 -13.02 -3.09
CA ILE A 536 23.06 -14.08 -3.50
C ILE A 536 21.71 -13.47 -3.85
N PRO A 537 21.28 -13.59 -5.12
CA PRO A 537 20.05 -12.94 -5.56
C PRO A 537 18.83 -13.76 -5.18
N LEU A 538 18.54 -13.73 -3.88
CA LEU A 538 17.40 -14.43 -3.30
C LEU A 538 16.92 -13.53 -2.16
N ARG A 539 15.76 -12.92 -2.33
CA ARG A 539 15.24 -12.09 -1.26
C ARG A 539 14.76 -12.97 -0.12
N ILE A 540 15.30 -12.75 1.07
CA ILE A 540 14.99 -13.58 2.22
C ILE A 540 13.68 -13.07 2.83
N PRO A 541 12.78 -14.00 3.23
CA PRO A 541 11.50 -13.57 3.81
C PRO A 541 11.70 -12.89 5.15
N SER A 542 10.74 -12.05 5.54
CA SER A 542 10.76 -11.35 6.81
C SER A 542 10.15 -12.22 7.89
N GLU A 543 10.17 -11.75 9.14
CA GLU A 543 9.57 -12.50 10.23
C GLU A 543 8.11 -12.86 9.93
N LEU A 544 7.38 -11.92 9.34
CA LEU A 544 5.96 -12.11 9.05
C LEU A 544 5.71 -13.38 8.22
N TYR A 545 6.55 -13.61 7.23
CA TYR A 545 6.38 -14.79 6.38
C TYR A 545 6.42 -16.07 7.21
N TYR A 546 7.36 -16.15 8.14
CA TYR A 546 7.57 -17.40 8.85
C TYR A 546 6.41 -17.74 9.76
N SER A 547 5.55 -16.76 10.02
CA SER A 547 4.38 -17.01 10.86
C SER A 547 3.16 -17.43 10.02
N THR A 548 3.27 -17.40 8.70
CA THR A 548 2.10 -17.71 7.84
C THR A 548 1.91 -19.18 7.58
N MET A 549 0.69 -19.55 7.17
CA MET A 549 0.35 -20.98 7.01
C MET A 549 1.27 -21.70 6.03
N GLU A 550 1.59 -21.04 4.92
CA GLU A 550 2.47 -21.70 3.93
C GLU A 550 3.81 -22.06 4.52
N ALA A 551 4.38 -21.16 5.33
CA ALA A 551 5.63 -21.49 6.00
C ALA A 551 5.43 -22.61 7.02
N LYS A 552 4.36 -22.51 7.82
CA LYS A 552 4.11 -23.52 8.85
C LYS A 552 4.00 -24.89 8.21
N LEU A 553 3.30 -24.94 7.09
CA LEU A 553 3.12 -26.19 6.38
C LEU A 553 4.40 -26.70 5.72
N HIS A 554 4.91 -25.94 4.76
CA HIS A 554 5.97 -26.49 3.91
C HIS A 554 7.37 -26.38 4.54
N LEU A 555 7.65 -25.26 5.18
CA LEU A 555 8.99 -25.04 5.74
C LEU A 555 9.13 -25.76 7.08
N PHE A 556 8.10 -25.64 7.94
CA PHE A 556 8.17 -26.27 9.24
C PHE A 556 7.53 -27.66 9.26
N ASP A 557 7.09 -28.15 8.09
CA ASP A 557 6.51 -29.50 7.98
C ASP A 557 5.24 -29.71 8.82
N GLY A 558 4.56 -28.62 9.13
CA GLY A 558 3.33 -28.67 9.88
C GLY A 558 3.52 -28.52 11.37
N SER A 559 4.78 -28.44 11.81
CA SER A 559 5.04 -28.37 13.25
C SER A 559 4.31 -27.19 13.87
N GLY A 560 3.71 -27.39 15.03
CA GLY A 560 2.98 -26.31 15.67
C GLY A 560 1.49 -26.28 15.38
N LEU A 561 1.05 -26.96 14.32
CA LEU A 561 -0.36 -26.91 13.93
C LEU A 561 -1.20 -27.94 14.69
N SER A 562 -2.39 -27.53 15.13
CA SER A 562 -3.29 -28.45 15.83
C SER A 562 -4.17 -29.26 14.89
N HIS A 563 -4.41 -28.76 13.69
CA HIS A 563 -5.48 -29.31 12.85
C HIS A 563 -5.00 -29.84 11.51
N TYR A 564 -3.68 -29.96 11.34
CA TYR A 564 -3.13 -30.42 10.07
C TYR A 564 -2.05 -31.46 10.34
N ARG A 565 -2.04 -32.53 9.55
CA ARG A 565 -0.98 -33.53 9.63
C ARG A 565 -0.50 -33.82 8.24
N MET A 566 0.80 -34.03 8.07
CA MET A 566 1.29 -34.48 6.76
C MET A 566 0.91 -35.93 6.54
N ILE A 567 0.52 -36.29 5.32
CA ILE A 567 0.19 -37.68 5.02
C ILE A 567 1.03 -38.27 3.91
N TYR A 568 1.64 -37.39 3.09
CA TYR A 568 2.46 -37.85 1.98
C TYR A 568 3.42 -36.74 1.56
N GLU A 569 4.67 -37.09 1.22
CA GLU A 569 5.52 -36.14 0.51
C GLU A 569 6.21 -36.82 -0.69
N SER A 570 6.45 -36.04 -1.73
CA SER A 570 7.11 -36.59 -2.91
C SER A 570 8.60 -36.66 -2.67
N ASP A 571 9.32 -37.04 -3.71
CA ASP A 571 10.77 -37.07 -3.67
C ASP A 571 11.32 -35.63 -3.57
N TYR A 572 12.62 -35.52 -3.31
CA TYR A 572 13.31 -34.23 -3.23
C TYR A 572 13.40 -33.56 -4.59
N PRO A 573 13.61 -32.23 -4.61
CA PRO A 573 14.03 -31.54 -5.83
C PRO A 573 15.24 -32.24 -6.42
N ALA A 574 15.27 -32.40 -7.75
CA ALA A 574 16.31 -33.20 -8.41
C ALA A 574 17.74 -32.84 -8.02
N GLU A 575 18.01 -31.55 -7.83
CA GLU A 575 19.37 -31.14 -7.52
C GLU A 575 19.82 -31.73 -6.18
N TRP A 576 18.89 -31.80 -5.23
CA TRP A 576 19.21 -32.33 -3.91
C TRP A 576 19.23 -33.86 -3.88
N LYS A 577 18.38 -34.47 -4.69
CA LYS A 577 18.48 -35.90 -4.95
C LYS A 577 19.89 -36.23 -5.43
N SER A 578 20.42 -35.36 -6.27
CA SER A 578 21.77 -35.54 -6.80
C SER A 578 22.84 -35.30 -5.71
N TYR A 579 22.71 -34.21 -4.97
CA TYR A 579 23.67 -33.87 -3.90
C TYR A 579 23.74 -34.97 -2.85
N SER A 580 22.62 -35.64 -2.61
CA SER A 580 22.53 -36.65 -1.57
C SER A 580 23.50 -37.79 -1.84
N SER A 581 23.83 -37.98 -3.11
CA SER A 581 24.77 -39.03 -3.51
C SER A 581 26.20 -38.72 -3.07
N GLN A 582 26.44 -37.55 -2.49
CA GLN A 582 27.78 -37.18 -2.06
C GLN A 582 27.83 -36.34 -0.80
N VAL A 583 26.66 -36.09 -0.22
CA VAL A 583 26.55 -35.31 1.01
C VAL A 583 25.52 -36.00 1.88
N ASN A 584 25.72 -35.99 3.20
CA ASN A 584 24.70 -36.52 4.12
C ASN A 584 23.63 -35.44 4.43
N LEU A 585 22.42 -35.65 3.93
CA LEU A 585 21.34 -34.69 4.10
C LEU A 585 20.89 -34.51 5.55
N ASN A 586 21.41 -35.35 6.45
CA ASN A 586 21.11 -35.25 7.88
C ASN A 586 22.17 -34.47 8.66
N ASN A 587 23.24 -34.08 7.99
CA ASN A 587 24.27 -33.26 8.61
C ASN A 587 24.05 -31.81 8.19
N GLU A 588 23.59 -30.98 9.12
CA GLU A 588 23.21 -29.60 8.78
C GLU A 588 24.39 -28.83 8.23
N SER A 589 25.58 -29.12 8.73
CA SER A 589 26.79 -28.45 8.27
C SER A 589 27.07 -28.71 6.81
N GLN A 590 26.98 -29.97 6.41
CA GLN A 590 27.21 -30.35 5.03
C GLN A 590 26.13 -29.79 4.11
N VAL A 591 24.87 -29.85 4.56
CA VAL A 591 23.77 -29.29 3.79
C VAL A 591 23.97 -27.79 3.55
N LEU A 592 24.33 -27.08 4.60
CA LEU A 592 24.45 -25.63 4.51
C LEU A 592 25.61 -25.28 3.57
N GLN A 593 26.70 -26.01 3.73
CA GLN A 593 27.92 -25.80 2.96
C GLN A 593 27.62 -25.99 1.48
N THR A 594 26.89 -27.06 1.18
CA THR A 594 26.48 -27.38 -0.17
C THR A 594 25.57 -26.29 -0.73
N ALA A 595 24.64 -25.80 0.09
CA ALA A 595 23.66 -24.81 -0.34
C ALA A 595 24.36 -23.51 -0.67
N LEU A 596 25.27 -23.09 0.20
CA LEU A 596 25.98 -21.83 -0.01
C LEU A 596 26.88 -21.94 -1.24
N TYR A 597 27.44 -23.13 -1.43
CA TYR A 597 28.28 -23.36 -2.60
C TYR A 597 27.51 -23.16 -3.91
N GLU A 598 26.37 -23.82 -4.02
CA GLU A 598 25.53 -23.66 -5.22
C GLU A 598 25.07 -22.22 -5.36
N ALA A 599 24.71 -21.59 -4.25
CA ALA A 599 24.18 -20.23 -4.30
C ALA A 599 25.22 -19.28 -4.87
N VAL A 600 26.44 -19.41 -4.39
CA VAL A 600 27.51 -18.52 -4.84
C VAL A 600 27.81 -18.77 -6.31
N MET A 601 27.92 -20.04 -6.67
CA MET A 601 28.19 -20.43 -8.05
CA MET A 601 28.18 -20.45 -8.05
C MET A 601 27.18 -19.79 -8.99
N ARG A 602 25.90 -19.85 -8.63
CA ARG A 602 24.90 -19.23 -9.48
C ARG A 602 24.90 -17.72 -9.34
N ALA A 603 25.17 -17.21 -8.14
CA ALA A 603 25.19 -15.76 -7.89
C ALA A 603 26.16 -14.99 -8.77
N ARG A 604 27.27 -15.64 -9.17
CA ARG A 604 28.24 -14.97 -10.03
C ARG A 604 27.63 -14.56 -11.37
N TYR A 605 26.53 -15.20 -11.75
CA TYR A 605 25.88 -14.89 -13.01
C TYR A 605 24.58 -14.14 -12.76
N GLY A 606 24.37 -13.77 -11.51
CA GLY A 606 23.17 -13.06 -11.12
C GLY A 606 21.95 -13.96 -11.19
N VAL A 607 22.19 -15.27 -11.05
CA VAL A 607 21.10 -16.26 -11.06
C VAL A 607 20.77 -16.73 -9.64
N SER A 608 19.48 -16.87 -9.33
CA SER A 608 19.05 -17.30 -8.00
C SER A 608 19.31 -18.80 -7.80
N PRO A 609 19.36 -19.24 -6.53
CA PRO A 609 19.64 -20.66 -6.25
C PRO A 609 18.54 -21.57 -6.78
N THR A 610 18.81 -22.88 -6.84
CA THR A 610 17.77 -23.85 -7.21
C THR A 610 16.74 -23.89 -6.09
N MET A 611 15.57 -24.46 -6.38
CA MET A 611 14.43 -24.37 -5.46
C MET A 611 14.74 -24.97 -4.09
N GLY A 612 15.32 -26.17 -4.07
CA GLY A 612 15.63 -26.84 -2.82
C GLY A 612 16.65 -26.04 -2.02
N THR A 613 17.56 -25.40 -2.74
CA THR A 613 18.58 -24.57 -2.08
C THR A 613 17.95 -23.31 -1.50
N GLN A 614 16.97 -22.73 -2.20
CA GLN A 614 16.23 -21.59 -1.67
C GLN A 614 15.57 -21.98 -0.34
N GLU A 615 14.96 -23.16 -0.30
CA GLU A 615 14.33 -23.64 0.94
C GLU A 615 15.35 -23.78 2.06
N VAL A 616 16.52 -24.35 1.74
CA VAL A 616 17.58 -24.50 2.73
C VAL A 616 18.00 -23.13 3.24
N LEU A 617 18.19 -22.17 2.32
CA LEU A 617 18.57 -20.84 2.78
C LEU A 617 17.44 -20.15 3.58
N TYR A 618 16.19 -20.38 3.21
CA TYR A 618 15.07 -19.83 4.01
C TYR A 618 15.11 -20.38 5.43
N LYS A 619 15.35 -21.68 5.54
CA LYS A 619 15.47 -22.30 6.86
C LYS A 619 16.66 -21.75 7.64
N TYR A 620 17.80 -21.64 6.98
CA TYR A 620 18.99 -21.11 7.64
C TYR A 620 18.75 -19.68 8.15
N ALA A 621 18.18 -18.84 7.28
CA ALA A 621 17.87 -17.46 7.66
C ALA A 621 16.97 -17.42 8.90
N TYR A 622 15.94 -18.26 8.91
CA TYR A 622 15.07 -18.35 10.08
C TYR A 622 15.87 -18.66 11.35
N THR A 623 16.74 -19.66 11.29
CA THR A 623 17.50 -20.03 12.48
C THR A 623 18.44 -18.92 12.92
N GLN A 624 18.99 -18.18 11.96
CA GLN A 624 19.86 -17.05 12.30
C GLN A 624 19.14 -15.79 12.78
N LEU A 625 17.94 -15.53 12.25
CA LEU A 625 17.27 -14.26 12.50
C LEU A 625 16.05 -14.32 13.41
N TYR A 626 15.27 -15.39 13.33
CA TYR A 626 13.94 -15.33 13.93
C TYR A 626 13.62 -16.44 14.93
N GLU A 627 14.38 -17.53 14.91
CA GLU A 627 14.08 -18.68 15.78
C GLU A 627 14.11 -18.33 17.27
N LYS A 628 15.02 -17.45 17.66
CA LYS A 628 15.11 -17.08 19.07
C LYS A 628 13.82 -16.45 19.59
N LYS A 629 13.13 -15.71 18.72
CA LYS A 629 11.86 -15.09 19.10
C LYS A 629 10.70 -16.06 18.91
N MET A 630 10.68 -16.76 17.78
CA MET A 630 9.51 -17.59 17.43
C MET A 630 9.55 -18.98 18.06
N GLY A 631 10.75 -19.54 18.21
CA GLY A 631 10.90 -20.75 19.01
C GLY A 631 10.48 -22.08 18.41
N ILE A 632 10.12 -22.10 17.14
CA ILE A 632 9.86 -23.40 16.49
C ILE A 632 11.16 -23.95 15.89
N PRO A 633 11.53 -25.19 16.27
CA PRO A 633 12.77 -25.82 15.77
C PRO A 633 12.59 -26.25 14.32
N VAL A 634 13.65 -26.18 13.53
CA VAL A 634 13.59 -26.68 12.16
C VAL A 634 14.99 -27.18 11.78
N LYS A 635 15.09 -28.34 11.14
CA LYS A 635 16.41 -28.82 10.73
C LYS A 635 16.78 -28.16 9.41
N ILE A 636 18.04 -27.76 9.26
CA ILE A 636 18.47 -27.17 8.00
C ILE A 636 18.71 -28.33 7.05
N ALA A 637 17.70 -28.61 6.23
CA ALA A 637 17.73 -29.78 5.37
C ALA A 637 16.66 -29.60 4.33
N PRO A 638 16.82 -30.23 3.17
CA PRO A 638 15.76 -30.10 2.16
C PRO A 638 14.65 -31.09 2.48
N SER A 639 13.66 -31.15 1.62
CA SER A 639 12.46 -31.94 1.92
C SER A 639 11.70 -32.23 0.62
N GLY A 640 10.57 -32.92 0.71
CA GLY A 640 9.84 -33.29 -0.50
C GLY A 640 9.37 -32.08 -1.32
N TYR A 641 9.42 -32.22 -2.64
CA TYR A 641 8.98 -31.14 -3.54
C TYR A 641 7.51 -30.83 -3.33
N VAL A 642 6.68 -31.88 -3.18
CA VAL A 642 5.25 -31.70 -3.01
C VAL A 642 4.85 -32.37 -1.72
N LYS A 643 4.00 -31.69 -0.96
CA LYS A 643 3.55 -32.22 0.32
C LYS A 643 2.05 -32.22 0.40
N ILE A 644 1.48 -33.31 0.90
CA ILE A 644 0.03 -33.34 1.15
C ILE A 644 -0.27 -33.40 2.63
N PHE A 645 -1.16 -32.53 3.07
CA PHE A 645 -1.60 -32.58 4.46
C PHE A 645 -3.09 -32.87 4.53
N GLU A 646 -3.52 -33.52 5.61
CA GLU A 646 -4.95 -33.69 5.89
C GLU A 646 -5.34 -32.72 7.00
N ARG A 647 -6.55 -32.15 6.87
CA ARG A 647 -7.12 -31.30 7.91
C ARG A 647 -8.02 -32.15 8.78
N VAL A 648 -7.78 -32.12 10.10
CA VAL A 648 -8.46 -33.02 11.06
C VAL A 648 -8.94 -32.23 12.28
N LYS A 649 -9.93 -32.75 12.99
CA LYS A 649 -10.37 -32.08 14.22
C LYS A 649 -9.23 -32.09 15.22
N GLY A 650 -8.57 -33.23 15.35
CA GLY A 650 -7.44 -33.35 16.26
C GLY A 650 -7.92 -33.93 17.58
N ALA A 651 -7.11 -34.80 18.18
CA ALA A 651 -7.43 -35.35 19.49
C ALA A 651 -7.08 -34.33 20.57
N VAL A 652 -8.00 -34.10 21.49
CA VAL A 652 -7.76 -33.15 22.57
C VAL A 652 -7.21 -33.85 23.81
N VAL A 653 -6.02 -33.46 24.24
CA VAL A 653 -5.44 -33.96 25.49
C VAL A 653 -5.44 -32.82 26.50
N THR A 654 -5.97 -33.05 27.69
CA THR A 654 -6.10 -31.97 28.67
C THR A 654 -6.05 -32.50 30.10
N GLY A 655 -5.57 -31.66 31.03
CA GLY A 655 -5.49 -32.09 32.41
C GLY A 655 -4.94 -31.03 33.33
N LYS A 656 -4.81 -31.39 34.60
CA LYS A 656 -4.26 -30.51 35.62
C LYS A 656 -2.74 -30.45 35.53
N VAL A 657 -2.16 -29.29 35.81
CA VAL A 657 -0.72 -29.13 35.85
C VAL A 657 -0.23 -28.97 37.29
N SER A 658 0.44 -30.00 37.80
CA SER A 658 0.89 -30.02 39.19
C SER A 658 2.27 -29.36 39.34
N ALA A 659 3.05 -29.40 38.27
CA ALA A 659 4.38 -28.78 38.26
C ALA A 659 4.28 -27.25 38.27
N ASN A 660 5.27 -26.60 38.86
CA ASN A 660 5.26 -25.13 38.93
C ASN A 660 5.74 -24.47 37.66
N VAL A 661 4.89 -24.46 36.64
CA VAL A 661 5.29 -24.02 35.31
C VAL A 661 4.15 -23.31 34.56
N THR A 662 4.50 -22.45 33.60
CA THR A 662 3.49 -21.67 32.87
C THR A 662 3.19 -22.23 31.48
N GLU A 663 4.00 -23.21 31.04
CA GLU A 663 3.80 -23.82 29.74
C GLU A 663 3.84 -25.34 29.76
N VAL A 664 3.20 -25.95 28.78
CA VAL A 664 3.29 -27.40 28.54
C VAL A 664 3.73 -27.59 27.09
N SER A 665 4.70 -28.46 26.84
CA SER A 665 5.11 -28.77 25.47
C SER A 665 4.79 -30.21 25.09
N VAL A 666 4.49 -30.43 23.82
CA VAL A 666 4.30 -31.76 23.30
C VAL A 666 5.21 -31.89 22.10
N ASN A 667 5.91 -33.00 21.99
CA ASN A 667 6.71 -33.24 20.79
C ASN A 667 6.68 -34.69 20.35
N ALA A 668 6.87 -34.93 19.05
CA ALA A 668 6.98 -36.28 18.50
C ALA A 668 7.88 -36.25 17.28
N THR A 669 8.53 -37.37 16.99
CA THR A 669 9.28 -37.47 15.74
C THR A 669 8.41 -38.10 14.65
N ILE A 670 8.29 -37.40 13.51
CA ILE A 670 7.51 -37.88 12.39
C ILE A 670 8.45 -38.41 11.32
N LYS A 671 8.09 -39.51 10.66
CA LYS A 671 8.90 -40.06 9.58
C LYS A 671 8.03 -40.07 8.34
N THR A 672 8.53 -39.53 7.23
CA THR A 672 7.75 -39.48 6.00
C THR A 672 7.98 -40.73 5.14
N ASN A 673 7.28 -40.80 4.01
CA ASN A 673 7.45 -41.90 3.07
C ASN A 673 8.74 -41.84 2.27
N GLN A 674 9.53 -40.78 2.48
CA GLN A 674 10.86 -40.69 1.89
C GLN A 674 11.91 -41.04 2.93
N ASN A 675 11.46 -41.54 4.08
CA ASN A 675 12.33 -41.87 5.22
C ASN A 675 13.07 -40.70 5.83
N ARG A 676 12.55 -39.51 5.59
CA ARG A 676 13.05 -38.30 6.20
C ARG A 676 12.33 -38.14 7.53
N THR A 677 13.02 -37.67 8.57
CA THR A 677 12.31 -37.36 9.82
C THR A 677 12.31 -35.87 10.13
N PHE A 678 11.29 -35.42 10.83
CA PHE A 678 11.25 -34.06 11.34
C PHE A 678 10.54 -34.08 12.69
N GLU A 679 10.70 -33.00 13.47
CA GLU A 679 10.06 -32.95 14.77
C GLU A 679 8.72 -32.23 14.68
N TYR A 680 7.70 -32.78 15.32
CA TYR A 680 6.46 -32.04 15.53
C TYR A 680 6.51 -31.46 16.94
N TRP A 681 6.32 -30.15 17.08
CA TRP A 681 6.28 -29.49 18.40
C TRP A 681 5.02 -28.69 18.58
N GLN A 682 4.50 -28.68 19.80
CA GLN A 682 3.46 -27.72 20.11
C GLN A 682 3.57 -27.32 21.56
N THR A 683 3.52 -26.02 21.83
CA THR A 683 3.61 -25.53 23.20
C THR A 683 2.37 -24.74 23.60
N VAL A 684 1.80 -25.04 24.76
CA VAL A 684 0.61 -24.32 25.19
C VAL A 684 0.77 -23.67 26.56
N GLU A 685 0.00 -22.61 26.76
CA GLU A 685 0.00 -21.85 28.00
C GLU A 685 -0.80 -22.60 29.05
N VAL A 686 -0.30 -22.63 30.29
CA VAL A 686 -1.09 -23.22 31.37
C VAL A 686 -2.14 -22.20 31.80
N LYS A 687 -3.41 -22.60 31.78
CA LYS A 687 -4.49 -21.69 32.14
C LYS A 687 -5.11 -22.13 33.45
N ASN A 688 -4.81 -21.40 34.51
CA ASN A 688 -5.31 -21.70 35.86
C ASN A 688 -5.22 -23.18 36.22
N GLY A 689 -4.00 -23.71 36.19
CA GLY A 689 -3.72 -25.06 36.64
C GLY A 689 -4.01 -26.14 35.62
N THR A 690 -4.50 -25.77 34.44
CA THR A 690 -4.73 -26.76 33.40
C THR A 690 -4.08 -26.43 32.07
N TYR A 691 -3.96 -27.44 31.23
CA TYR A 691 -3.42 -27.30 29.88
C TYR A 691 -4.37 -28.03 28.92
N THR A 692 -4.36 -27.61 27.67
CA THR A 692 -5.13 -28.28 26.64
C THR A 692 -4.32 -28.25 25.37
N VAL A 693 -4.10 -29.41 24.77
CA VAL A 693 -3.35 -29.47 23.53
C VAL A 693 -4.12 -30.32 22.53
N VAL A 694 -4.13 -29.87 21.27
CA VAL A 694 -4.90 -30.57 20.23
C VAL A 694 -3.90 -31.15 19.23
N LEU A 695 -3.93 -32.48 19.05
CA LEU A 695 -2.88 -33.20 18.31
C LEU A 695 -3.41 -33.83 17.03
N PRO A 696 -2.70 -33.61 15.90
CA PRO A 696 -3.28 -34.09 14.63
C PRO A 696 -2.77 -35.46 14.14
N TYR A 697 -1.67 -35.99 14.68
CA TYR A 697 -1.21 -37.31 14.26
C TYR A 697 -1.76 -38.42 15.12
N SER A 698 -2.10 -39.54 14.49
CA SER A 698 -2.46 -40.74 15.23
C SER A 698 -1.35 -41.77 15.05
N HIS A 699 -1.39 -42.84 15.85
CA HIS A 699 -0.34 -43.87 15.78
C HIS A 699 -0.80 -45.16 15.12
N ASN A 700 -1.98 -45.14 14.50
CA ASN A 700 -2.49 -46.29 13.77
C ASN A 700 -3.23 -45.88 12.51
N SER A 701 -2.77 -44.81 11.88
CA SER A 701 -3.35 -44.37 10.60
C SER A 701 -2.74 -45.21 9.47
N ASP A 702 -3.45 -45.28 8.36
CA ASP A 702 -2.97 -46.06 7.22
C ASP A 702 -2.10 -45.21 6.28
N TYR A 703 -1.73 -44.01 6.74
CA TYR A 703 -0.90 -43.13 5.92
C TYR A 703 0.57 -43.49 6.03
N PRO A 704 1.33 -43.23 4.93
CA PRO A 704 2.76 -43.53 4.83
C PRO A 704 3.64 -42.52 5.58
N VAL A 705 3.10 -41.35 5.95
CA VAL A 705 3.78 -40.44 6.87
C VAL A 705 3.18 -40.70 8.26
N LYS A 706 4.03 -40.95 9.26
CA LYS A 706 3.52 -41.29 10.61
C LYS A 706 4.47 -40.95 11.75
N PRO A 707 3.93 -40.68 12.95
CA PRO A 707 4.86 -40.49 14.07
C PRO A 707 5.53 -41.84 14.40
N ILE A 708 6.82 -41.80 14.72
CA ILE A 708 7.52 -43.02 15.09
C ILE A 708 7.92 -42.97 16.55
N THR A 709 7.48 -41.95 17.24
CA THR A 709 7.63 -41.91 18.70
C THR A 709 6.28 -41.60 19.27
N PRO A 710 6.07 -41.96 20.56
CA PRO A 710 4.84 -41.43 21.17
C PRO A 710 4.94 -39.90 21.26
N TYR A 711 3.83 -39.24 21.59
CA TYR A 711 3.91 -37.85 21.96
C TYR A 711 4.59 -37.75 23.33
N HIS A 712 5.55 -36.84 23.44
CA HIS A 712 6.20 -36.57 24.74
C HIS A 712 5.63 -35.28 25.27
N ILE A 713 4.86 -35.39 26.35
CA ILE A 713 4.21 -34.24 26.94
C ILE A 713 4.92 -33.85 28.23
N LYS A 714 5.34 -32.60 28.31
CA LYS A 714 6.22 -32.17 29.40
C LYS A 714 5.65 -30.96 30.11
N ALA A 715 5.63 -31.02 31.44
CA ALA A 715 5.34 -29.85 32.24
C ALA A 715 6.43 -29.84 33.29
N GLY A 716 7.46 -29.02 33.08
CA GLY A 716 8.60 -29.00 33.97
C GLY A 716 9.24 -30.38 34.00
N ASN A 717 9.48 -30.90 35.20
CA ASN A 717 10.12 -32.20 35.35
C ASN A 717 9.19 -33.40 35.14
N VAL A 718 7.93 -33.13 34.82
CA VAL A 718 6.96 -34.21 34.56
C VAL A 718 6.99 -34.55 33.07
N VAL A 719 7.28 -35.81 32.75
CA VAL A 719 7.26 -36.27 31.36
C VAL A 719 6.31 -37.46 31.24
N LYS A 720 5.38 -37.38 30.29
CA LYS A 720 4.40 -38.45 30.08
C LYS A 720 4.36 -38.75 28.59
N GLU A 721 4.29 -40.03 28.26
CA GLU A 721 4.24 -40.46 26.87
C GLU A 721 2.85 -40.98 26.51
N ILE A 722 2.33 -40.57 25.37
CA ILE A 722 1.00 -41.00 24.97
C ILE A 722 0.97 -41.33 23.48
N THR A 723 0.16 -42.32 23.13
CA THR A 723 -0.11 -42.61 21.72
C THR A 723 -1.61 -42.47 21.51
N ILE A 724 -1.97 -42.08 20.30
CA ILE A 724 -3.33 -41.64 20.00
C ILE A 724 -3.92 -42.52 18.92
N TYR A 725 -5.20 -42.90 19.07
CA TYR A 725 -5.87 -43.67 18.02
C TYR A 725 -6.42 -42.77 16.93
N GLU A 726 -6.50 -43.32 15.71
CA GLU A 726 -7.01 -42.56 14.58
C GLU A 726 -8.45 -42.07 14.79
N SER A 727 -9.26 -42.85 15.50
CA SER A 727 -10.65 -42.43 15.76
C SER A 727 -10.72 -41.19 16.64
N GLN A 728 -9.76 -41.06 17.55
CA GLN A 728 -9.68 -39.91 18.44
C GLN A 728 -9.33 -38.63 17.67
N VAL A 729 -8.38 -38.73 16.74
CA VAL A 729 -8.00 -37.61 15.89
C VAL A 729 -9.16 -37.19 14.99
N GLN A 730 -9.80 -38.17 14.36
CA GLN A 730 -10.90 -37.91 13.42
C GLN A 730 -12.13 -37.30 14.08
N ASN A 731 -12.44 -37.73 15.30
CA ASN A 731 -13.68 -37.30 15.95
C ASN A 731 -13.49 -36.24 17.03
N GLY A 732 -12.26 -35.77 17.20
CA GLY A 732 -11.98 -34.70 18.14
C GLY A 732 -12.28 -35.08 19.58
N GLU A 733 -12.03 -36.35 19.92
CA GLU A 733 -12.32 -36.84 21.25
C GLU A 733 -11.34 -36.30 22.30
N ILE A 734 -11.81 -36.22 23.54
CA ILE A 734 -11.05 -35.64 24.63
C ILE A 734 -10.38 -36.71 25.48
N ILE A 735 -9.07 -36.56 25.69
CA ILE A 735 -8.29 -37.45 26.53
C ILE A 735 -7.91 -36.74 27.81
N GLN A 736 -8.23 -37.37 28.95
CA GLN A 736 -7.81 -36.87 30.25
C GLN A 736 -6.41 -37.34 30.56
N LEU A 737 -5.53 -36.40 30.90
CA LEU A 737 -4.15 -36.74 31.19
C LEU A 737 -3.52 -35.68 32.08
N ASP A 738 -3.43 -35.98 33.37
CA ASP A 738 -2.87 -35.03 34.33
C ASP A 738 -1.34 -35.04 34.32
N LEU A 739 -0.74 -33.91 34.64
CA LEU A 739 0.72 -33.80 34.64
C LEU A 739 1.22 -33.36 36.02
#